data_5BW2
#
_entry.id   5BW2
#
_cell.length_a   163.740
_cell.length_b   84.400
_cell.length_c   119.660
_cell.angle_alpha   90.00
_cell.angle_beta   130.80
_cell.angle_gamma   90.00
#
_symmetry.space_group_name_H-M   'C 1 2 1'
#
loop_
_entity.id
_entity.type
_entity.pdbx_description
1 polymer 'Soluble acetylcholine receptor'
2 non-polymer (2R)-2-(pyridin-3-yl)-1-azabicyclo[2.2.2]octane
3 water water
#
_entity_poly.entity_id   1
_entity_poly.type   'polypeptide(L)'
_entity_poly.pdbx_seq_one_letter_code
;DYKDDDDKLHSQANLMRLKSDLFNRSPMYPGPTKDDPLTVTLGFTLQDIVKADSSTNEVDLVYWEQQRWKLNSLMWDPNE
YGNITDFRTSAADIWTPDITAYSSTRPVQVLSPQIAVVTHDGSVMFIPAQRLSFMCDPTGVDSEEGATCAVKFGSWVYSG
FEIDLKTDTDQVDLSSYYASSKYEILSATQTRQVQHYSCCPEPYIDVNLVVKFRERRAGNGFFRNLFDSR
;
_entity_poly.pdbx_strand_id   A,B,C,D,E
#
# COMPACT_ATOMS: atom_id res chain seq x y z
N ASP A 7 -16.66 -0.96 -39.13
CA ASP A 7 -15.35 -0.57 -39.59
C ASP A 7 -14.47 -0.32 -38.38
N LYS A 8 -14.97 0.51 -37.49
CA LYS A 8 -14.31 0.81 -36.25
C LYS A 8 -14.32 -0.46 -35.46
N LEU A 9 -15.41 -1.18 -35.55
CA LEU A 9 -15.54 -2.41 -34.85
C LEU A 9 -14.46 -3.31 -35.40
N HIS A 10 -14.22 -3.18 -36.69
CA HIS A 10 -13.23 -3.99 -37.35
C HIS A 10 -11.88 -3.73 -36.76
N SER A 11 -11.51 -2.48 -36.60
CA SER A 11 -10.22 -2.16 -35.99
C SER A 11 -10.11 -2.65 -34.55
N GLN A 12 -11.19 -2.55 -33.80
CA GLN A 12 -11.15 -3.00 -32.44
C GLN A 12 -10.88 -4.49 -32.41
N ALA A 13 -11.56 -5.20 -33.27
CA ALA A 13 -11.40 -6.63 -33.36
C ALA A 13 -10.01 -6.98 -33.79
N ASN A 14 -9.46 -6.22 -34.73
CA ASN A 14 -8.12 -6.46 -35.18
C ASN A 14 -7.14 -6.28 -34.03
N LEU A 15 -7.27 -5.24 -33.23
CA LEU A 15 -6.34 -5.07 -32.13
C LEU A 15 -6.47 -6.20 -31.15
N MET A 16 -7.69 -6.62 -30.90
CA MET A 16 -7.92 -7.71 -29.97
C MET A 16 -7.30 -8.98 -30.46
N ARG A 17 -7.47 -9.24 -31.72
CA ARG A 17 -6.94 -10.41 -32.31
C ARG A 17 -5.44 -10.36 -32.18
N LEU A 18 -4.86 -9.20 -32.46
CA LEU A 18 -3.43 -9.09 -32.38
C LEU A 18 -2.91 -9.30 -30.99
N LYS A 19 -3.58 -8.73 -30.02
CA LYS A 19 -3.13 -8.86 -28.67
C LYS A 19 -3.20 -10.30 -28.24
N SER A 20 -4.27 -10.93 -28.64
CA SER A 20 -4.49 -12.31 -28.35
C SER A 20 -3.45 -13.23 -29.00
N ASP A 21 -3.08 -12.96 -30.23
CA ASP A 21 -2.08 -13.75 -30.89
C ASP A 21 -0.76 -13.58 -30.16
N LEU A 22 -0.49 -12.35 -29.74
CA LEU A 22 0.75 -12.09 -29.06
C LEU A 22 0.84 -12.60 -27.65
N PHE A 23 -0.26 -12.60 -26.94
CA PHE A 23 -0.22 -13.01 -25.58
C PHE A 23 -0.73 -14.39 -25.28
N ASN A 24 -2.03 -14.50 -25.42
CA ASN A 24 -2.70 -15.75 -25.04
C ASN A 24 -2.22 -16.99 -25.77
N ARG A 25 -1.61 -16.82 -26.93
CA ARG A 25 -1.29 -17.97 -27.78
C ARG A 25 0.15 -18.02 -28.28
N SER A 26 0.98 -17.06 -27.85
CA SER A 26 2.36 -17.01 -28.31
C SER A 26 3.19 -18.15 -27.73
N MET A 28 6.28 -18.43 -25.25
CA MET A 28 6.28 -17.29 -24.33
C MET A 28 7.70 -16.86 -23.98
N TYR A 29 7.86 -15.57 -23.69
CA TYR A 29 9.19 -15.00 -23.40
C TYR A 29 9.52 -15.03 -21.91
N PRO A 30 10.55 -15.81 -21.54
CA PRO A 30 10.96 -16.07 -20.17
C PRO A 30 11.93 -15.05 -19.59
N GLY A 31 12.16 -13.97 -20.34
CA GLY A 31 13.18 -13.01 -19.94
C GLY A 31 14.46 -13.27 -20.70
N PRO A 32 15.42 -12.33 -20.61
CA PRO A 32 16.67 -12.49 -21.36
C PRO A 32 17.57 -13.58 -20.77
N THR A 33 18.46 -14.12 -21.60
CA THR A 33 19.41 -15.13 -21.14
C THR A 33 20.74 -14.92 -21.85
N LYS A 34 21.75 -15.69 -21.48
CA LYS A 34 23.08 -15.58 -22.10
C LYS A 34 23.02 -15.86 -23.60
N ASP A 35 22.13 -16.76 -24.01
CA ASP A 35 21.96 -17.10 -25.42
C ASP A 35 21.03 -16.12 -26.12
N ASP A 36 20.14 -15.51 -25.36
CA ASP A 36 19.18 -14.55 -25.91
C ASP A 36 19.19 -13.26 -25.08
N PRO A 37 20.32 -12.56 -25.08
CA PRO A 37 20.50 -11.36 -24.27
C PRO A 37 19.70 -10.17 -24.81
N LEU A 38 19.47 -9.19 -23.94
CA LEU A 38 18.66 -8.03 -24.31
C LEU A 38 19.46 -6.75 -24.07
N THR A 39 19.26 -5.76 -24.93
CA THR A 39 19.85 -4.45 -24.72
C THR A 39 18.74 -3.44 -24.43
N VAL A 40 18.84 -2.82 -23.26
CA VAL A 40 17.86 -1.83 -22.84
C VAL A 40 18.45 -0.43 -23.01
N THR A 41 17.77 0.41 -23.77
CA THR A 41 18.17 1.81 -23.87
C THR A 41 17.51 2.62 -22.76
N LEU A 42 18.32 3.31 -21.95
CA LEU A 42 17.84 4.13 -20.84
C LEU A 42 18.11 5.61 -21.03
N GLY A 43 17.11 6.43 -20.75
CA GLY A 43 17.26 7.89 -20.77
C GLY A 43 16.45 8.52 -19.65
N PHE A 44 17.03 9.53 -19.01
CA PHE A 44 16.34 10.19 -17.91
C PHE A 44 15.92 11.61 -18.26
N THR A 45 14.66 11.90 -18.00
CA THR A 45 14.15 13.26 -18.06
C THR A 45 14.04 13.77 -16.63
N LEU A 46 15.00 14.59 -16.21
CA LEU A 46 15.00 15.12 -14.86
C LEU A 46 13.99 16.25 -14.76
N GLN A 47 13.03 16.11 -13.85
CA GLN A 47 11.97 17.10 -13.76
C GLN A 47 12.06 18.02 -12.53
N ASP A 48 12.66 17.55 -11.44
CA ASP A 48 12.67 18.34 -10.22
C ASP A 48 13.55 17.71 -9.15
N ILE A 49 14.38 18.54 -8.52
CA ILE A 49 14.98 18.16 -7.26
C ILE A 49 14.11 18.76 -6.17
N VAL A 50 13.30 17.90 -5.55
CA VAL A 50 12.25 18.36 -4.65
C VAL A 50 12.83 18.80 -3.31
N LYS A 51 13.68 17.96 -2.74
CA LYS A 51 14.21 18.21 -1.41
C LYS A 51 15.62 17.68 -1.28
N ALA A 52 16.42 18.36 -0.45
CA ALA A 52 17.74 17.89 -0.09
C ALA A 52 17.90 17.93 1.43
N ASP A 53 18.02 16.75 2.04
CA ASP A 53 18.05 16.63 3.49
C ASP A 53 19.48 16.45 4.00
N SER A 54 20.03 17.50 4.61
CA SER A 54 21.42 17.47 5.06
C SER A 54 21.57 16.81 6.43
N SER A 55 20.44 16.47 7.06
CA SER A 55 20.49 15.77 8.33
C SER A 55 20.61 14.25 8.12
N THR A 56 20.17 13.77 6.96
CA THR A 56 20.21 12.33 6.69
C THR A 56 21.00 12.01 5.44
N ASN A 57 21.44 13.05 4.75
CA ASN A 57 22.09 12.94 3.45
C ASN A 57 21.24 12.14 2.47
N GLU A 58 20.00 12.59 2.29
CA GLU A 58 19.07 12.06 1.32
C GLU A 58 18.60 13.18 0.40
N VAL A 59 18.56 12.90 -0.91
CA VAL A 59 17.97 13.84 -1.85
C VAL A 59 16.81 13.17 -2.58
N ASP A 60 15.74 13.93 -2.80
CA ASP A 60 14.56 13.41 -3.49
C ASP A 60 14.49 13.96 -4.91
N LEU A 61 14.40 13.07 -5.89
CA LEU A 61 14.29 13.44 -7.30
C LEU A 61 12.95 13.05 -7.88
N VAL A 62 12.43 13.88 -8.76
CA VAL A 62 11.33 13.48 -9.62
C VAL A 62 11.84 13.45 -11.05
N TYR A 63 11.62 12.34 -11.74
CA TYR A 63 12.13 12.18 -13.10
C TYR A 63 11.28 11.18 -13.89
N TRP A 64 11.44 11.20 -15.21
CA TRP A 64 10.84 10.19 -16.07
C TRP A 64 11.95 9.28 -16.56
N GLU A 65 11.75 7.98 -16.46
CA GLU A 65 12.76 7.03 -16.84
C GLU A 65 12.37 6.32 -18.14
N GLN A 66 12.90 6.80 -19.26
CA GLN A 66 12.57 6.23 -20.55
C GLN A 66 13.32 4.92 -20.78
N GLN A 67 12.56 3.82 -20.85
CA GLN A 67 13.13 2.51 -21.12
C GLN A 67 12.71 2.04 -22.50
N ARG A 68 13.66 1.50 -23.27
CA ARG A 68 13.37 0.96 -24.60
C ARG A 68 14.11 -0.34 -24.84
N TRP A 69 13.36 -1.36 -25.27
CA TRP A 69 13.94 -2.65 -25.65
C TRP A 69 13.12 -3.24 -26.78
N LYS A 70 13.61 -4.32 -27.38
CA LYS A 70 12.92 -4.92 -28.52
C LYS A 70 12.93 -6.44 -28.47
N LEU A 71 11.76 -7.04 -28.63
CA LEU A 71 11.66 -8.51 -28.65
C LEU A 71 11.16 -9.02 -30.01
N ASN A 72 11.82 -10.06 -30.52
CA ASN A 72 11.32 -10.75 -31.70
C ASN A 72 9.89 -11.19 -31.51
N SER A 73 9.61 -11.72 -30.31
CA SER A 73 8.31 -12.31 -30.01
C SER A 73 7.19 -11.28 -29.93
N LEU A 74 7.51 -10.01 -30.13
CA LEU A 74 6.48 -8.97 -30.11
C LEU A 74 6.28 -8.37 -31.50
N MET A 75 7.05 -8.84 -32.47
CA MET A 75 6.93 -8.37 -33.85
C MET A 75 5.64 -8.87 -34.49
N TRP A 76 5.07 -8.06 -35.39
CA TRP A 76 3.95 -8.52 -36.21
C TRP A 76 3.93 -7.77 -37.52
N ASP A 77 3.20 -8.33 -38.47
CA ASP A 77 3.00 -7.74 -39.78
C ASP A 77 1.73 -6.88 -39.76
N PRO A 78 1.90 -5.54 -39.82
CA PRO A 78 0.75 -4.63 -39.79
C PRO A 78 -0.32 -4.97 -40.84
N ASN A 79 0.09 -5.35 -42.04
CA ASN A 79 -0.85 -5.73 -43.09
C ASN A 79 -1.70 -6.93 -42.69
N GLU A 80 -1.18 -7.72 -41.76
CA GLU A 80 -1.88 -8.92 -41.29
C GLU A 80 -2.85 -8.60 -40.16
N TYR A 81 -2.87 -7.34 -39.71
CA TYR A 81 -3.76 -6.92 -38.63
C TYR A 81 -4.38 -5.55 -38.87
N GLY A 82 -4.87 -5.31 -40.08
CA GLY A 82 -5.55 -4.06 -40.39
C GLY A 82 -4.65 -2.85 -40.31
N ASN A 83 -3.36 -3.06 -40.57
CA ASN A 83 -2.36 -1.98 -40.59
C ASN A 83 -2.17 -1.29 -39.24
N ILE A 84 -2.41 -2.02 -38.16
CA ILE A 84 -2.03 -1.55 -36.83
C ILE A 84 -0.50 -1.57 -36.71
N THR A 85 0.07 -0.43 -36.35
CA THR A 85 1.52 -0.30 -36.27
C THR A 85 2.03 -0.26 -34.83
N ASP A 86 1.13 0.01 -33.90
CA ASP A 86 1.47 -0.03 -32.47
C ASP A 86 0.22 -0.07 -31.61
N PHE A 87 0.41 -0.32 -30.32
CA PHE A 87 -0.70 -0.31 -29.38
C PHE A 87 -0.19 -0.11 -27.95
N ARG A 88 -1.08 0.34 -27.08
CA ARG A 88 -0.79 0.52 -25.67
C ARG A 88 -1.29 -0.70 -24.91
N THR A 89 -0.51 -1.14 -23.93
CA THR A 89 -0.93 -2.26 -23.11
C THR A 89 -0.42 -2.11 -21.69
N SER A 90 -1.15 -2.68 -20.73
CA SER A 90 -0.70 -2.69 -19.36
C SER A 90 0.68 -3.34 -19.25
N ALA A 91 1.58 -2.66 -18.56
CA ALA A 91 2.95 -3.13 -18.39
C ALA A 91 2.99 -4.50 -17.73
N ALA A 92 1.88 -4.92 -17.12
CA ALA A 92 1.80 -6.23 -16.49
C ALA A 92 1.50 -7.33 -17.51
N ASP A 93 1.13 -6.94 -18.73
CA ASP A 93 0.85 -7.92 -19.77
C ASP A 93 2.13 -8.36 -20.49
N ILE A 94 3.22 -7.64 -20.24
CA ILE A 94 4.48 -7.96 -20.90
C ILE A 94 5.62 -8.01 -19.90
N TRP A 95 6.74 -8.56 -20.34
CA TRP A 95 7.94 -8.58 -19.52
C TRP A 95 8.55 -7.18 -19.50
N THR A 96 9.00 -6.73 -18.33
CA THR A 96 9.67 -5.44 -18.22
C THR A 96 10.98 -5.60 -17.45
N PRO A 97 12.00 -4.83 -17.83
CA PRO A 97 13.30 -4.93 -17.17
C PRO A 97 13.23 -4.49 -15.70
N ASP A 98 13.99 -5.17 -14.84
CA ASP A 98 13.99 -4.84 -13.42
C ASP A 98 15.00 -3.73 -13.12
N ILE A 99 14.86 -2.61 -13.84
CA ILE A 99 15.75 -1.48 -13.68
C ILE A 99 15.59 -0.83 -12.32
N THR A 100 16.68 -0.73 -11.59
CA THR A 100 16.62 -0.32 -10.21
C THR A 100 17.73 0.65 -9.85
N ALA A 101 17.39 1.64 -9.02
CA ALA A 101 18.41 2.52 -8.46
C ALA A 101 19.17 1.75 -7.40
N TYR A 102 20.50 1.88 -7.40
CA TYR A 102 21.35 1.08 -6.53
C TYR A 102 21.55 1.69 -5.14
N SER A 103 21.17 2.95 -4.97
CA SER A 103 21.39 3.61 -3.71
C SER A 103 20.16 4.37 -3.23
N SER A 104 18.98 3.83 -3.51
CA SER A 104 17.76 4.41 -2.95
C SER A 104 17.74 4.21 -1.44
N THR A 105 16.99 5.02 -0.74
CA THR A 105 16.89 4.90 0.72
C THR A 105 15.45 4.60 1.08
N ARG A 106 14.58 4.73 0.08
CA ARG A 106 13.17 4.40 0.22
CA ARG A 106 13.19 4.35 0.23
C ARG A 106 12.69 3.72 -1.05
N PRO A 107 11.61 2.94 -0.97
CA PRO A 107 11.07 2.36 -2.20
C PRO A 107 10.70 3.46 -3.17
N VAL A 108 11.02 3.29 -4.45
CA VAL A 108 10.69 4.30 -5.44
C VAL A 108 9.18 4.45 -5.49
N GLN A 109 8.70 5.67 -5.68
CA GLN A 109 7.27 5.91 -5.82
C GLN A 109 6.92 6.19 -7.28
N VAL A 110 5.99 5.41 -7.82
CA VAL A 110 5.59 5.52 -9.22
C VAL A 110 4.47 6.56 -9.37
N LEU A 111 4.70 7.53 -10.24
CA LEU A 111 3.83 8.68 -10.39
C LEU A 111 2.90 8.57 -11.60
N SER A 112 3.23 7.67 -12.51
CA SER A 112 2.51 7.56 -13.76
C SER A 112 1.88 6.20 -13.94
N PRO A 113 0.85 6.13 -14.79
CA PRO A 113 0.22 4.84 -15.12
C PRO A 113 1.25 3.86 -15.68
N GLN A 114 1.12 2.60 -15.31
CA GLN A 114 2.10 1.61 -15.73
C GLN A 114 1.64 0.95 -17.02
N ILE A 115 1.78 1.71 -18.11
CA ILE A 115 1.34 1.28 -19.43
C ILE A 115 2.48 1.48 -20.42
N ALA A 116 2.71 0.50 -21.28
CA ALA A 116 3.77 0.57 -22.26
C ALA A 116 3.24 0.69 -23.68
N VAL A 117 4.11 1.07 -24.61
CA VAL A 117 3.74 1.17 -26.01
C VAL A 117 4.51 0.14 -26.80
N VAL A 118 3.79 -0.72 -27.52
CA VAL A 118 4.43 -1.76 -28.33
C VAL A 118 4.28 -1.44 -29.82
N THR A 119 5.39 -1.55 -30.55
CA THR A 119 5.40 -1.25 -31.97
C THR A 119 5.62 -2.53 -32.78
N HIS A 120 5.15 -2.52 -34.02
CA HIS A 120 5.08 -3.73 -34.84
C HIS A 120 6.44 -4.38 -35.08
N ASP A 121 7.52 -3.60 -34.94
CA ASP A 121 8.86 -4.15 -35.07
C ASP A 121 9.31 -4.86 -33.78
N GLY A 122 8.43 -4.90 -32.79
CA GLY A 122 8.71 -5.60 -31.55
C GLY A 122 9.34 -4.73 -30.47
N SER A 123 9.51 -3.44 -30.78
CA SER A 123 10.14 -2.53 -29.83
C SER A 123 9.13 -2.08 -28.80
N VAL A 124 9.60 -1.92 -27.56
CA VAL A 124 8.75 -1.47 -26.46
C VAL A 124 9.27 -0.15 -25.90
N MET A 125 8.36 0.78 -25.63
CA MET A 125 8.75 2.00 -24.94
C MET A 125 7.94 2.16 -23.65
N PHE A 126 8.65 2.32 -22.54
CA PHE A 126 8.03 2.39 -21.22
C PHE A 126 8.68 3.55 -20.47
N ILE A 127 7.87 4.49 -20.01
CA ILE A 127 8.42 5.70 -19.37
C ILE A 127 7.73 6.00 -18.04
N PRO A 128 8.12 5.29 -16.97
CA PRO A 128 7.52 5.58 -15.67
C PRO A 128 8.08 6.87 -15.08
N ALA A 129 7.19 7.78 -14.67
CA ALA A 129 7.61 8.89 -13.83
C ALA A 129 7.77 8.36 -12.41
N GLN A 130 8.83 8.78 -11.73
CA GLN A 130 9.12 8.27 -10.39
C GLN A 130 9.62 9.37 -9.45
N ARG A 131 9.33 9.20 -8.15
CA ARG A 131 10.01 10.00 -7.13
C ARG A 131 10.95 9.10 -6.36
N LEU A 132 12.20 9.52 -6.26
CA LEU A 132 13.24 8.69 -5.66
C LEU A 132 14.02 9.43 -4.58
N SER A 133 14.10 8.82 -3.40
CA SER A 133 15.03 9.26 -2.37
C SER A 133 16.30 8.42 -2.48
N PHE A 134 17.44 9.06 -2.62
CA PHE A 134 18.69 8.32 -2.75
C PHE A 134 19.80 8.98 -1.93
N MET A 135 20.88 8.25 -1.71
CA MET A 135 21.95 8.69 -0.82
C MET A 135 22.74 9.79 -1.49
N CYS A 136 22.80 10.95 -0.86
CA CYS A 136 23.42 12.13 -1.44
C CYS A 136 23.77 13.17 -0.38
N ASP A 137 25.04 13.51 -0.30
CA ASP A 137 25.52 14.59 0.57
C ASP A 137 25.37 15.91 -0.18
N PRO A 138 24.44 16.75 0.28
CA PRO A 138 24.17 18.04 -0.38
C PRO A 138 25.05 19.17 0.11
N THR A 139 26.14 18.86 0.81
CA THR A 139 27.06 19.90 1.27
C THR A 139 27.58 20.68 0.08
N GLY A 140 27.54 22.00 0.17
CA GLY A 140 27.98 22.86 -0.91
C GLY A 140 26.88 23.25 -1.88
N VAL A 141 25.65 22.85 -1.57
CA VAL A 141 24.52 23.18 -2.42
C VAL A 141 24.21 24.68 -2.37
N ASP A 142 24.70 25.34 -1.33
CA ASP A 142 24.55 26.78 -1.19
C ASP A 142 25.78 27.54 -1.66
N SER A 143 26.70 26.85 -2.33
CA SER A 143 27.88 27.49 -2.89
C SER A 143 27.71 27.68 -4.39
N GLU A 144 28.62 28.45 -4.99
CA GLU A 144 28.56 28.72 -6.42
C GLU A 144 28.76 27.44 -7.22
N GLU A 145 29.68 26.61 -6.75
CA GLU A 145 29.97 25.34 -7.41
C GLU A 145 28.79 24.39 -7.30
N GLY A 146 28.03 24.50 -6.22
CA GLY A 146 26.90 23.61 -6.00
C GLY A 146 27.31 22.28 -5.40
N ALA A 147 26.38 21.34 -5.37
CA ALA A 147 26.67 20.01 -4.87
C ALA A 147 26.64 18.99 -6.01
N THR A 148 27.39 17.91 -5.83
CA THR A 148 27.42 16.85 -6.83
C THR A 148 27.02 15.53 -6.18
N CYS A 149 26.05 14.86 -6.80
CA CYS A 149 25.64 13.54 -6.36
C CYS A 149 25.39 12.63 -7.55
N ALA A 150 25.43 11.33 -7.28
CA ALA A 150 25.31 10.35 -8.34
C ALA A 150 24.47 9.18 -7.85
N VAL A 151 23.85 8.48 -8.79
CA VAL A 151 23.10 7.28 -8.47
C VAL A 151 23.04 6.39 -9.70
N LYS A 152 23.38 5.12 -9.52
CA LYS A 152 23.43 4.15 -10.60
C LYS A 152 22.09 3.46 -10.79
N PHE A 153 21.71 3.26 -12.05
CA PHE A 153 20.51 2.52 -12.40
C PHE A 153 20.91 1.28 -13.20
N GLY A 154 20.42 0.12 -12.79
CA GLY A 154 20.71 -1.09 -13.51
C GLY A 154 19.72 -2.18 -13.20
N SER A 155 19.78 -3.25 -13.99
CA SER A 155 19.08 -4.47 -13.63
C SER A 155 19.55 -4.92 -12.26
N TRP A 156 18.64 -5.36 -11.42
CA TRP A 156 19.04 -5.85 -10.10
C TRP A 156 19.60 -7.27 -10.18
N VAL A 157 19.02 -8.11 -11.04
CA VAL A 157 19.35 -9.54 -11.02
C VAL A 157 19.93 -10.09 -12.34
N TYR A 158 20.04 -9.25 -13.35
CA TYR A 158 20.63 -9.67 -14.63
C TYR A 158 22.03 -9.08 -14.85
N SER A 159 22.99 -9.95 -15.15
CA SER A 159 24.34 -9.51 -15.45
C SER A 159 24.44 -8.89 -16.83
N GLY A 160 25.61 -8.38 -17.16
CA GLY A 160 25.84 -7.79 -18.47
C GLY A 160 25.73 -8.81 -19.58
N PHE A 161 25.76 -10.09 -19.23
CA PHE A 161 25.63 -11.18 -20.21
C PHE A 161 24.18 -11.45 -20.59
N GLU A 162 23.25 -10.98 -19.75
CA GLU A 162 21.82 -11.12 -20.01
C GLU A 162 21.19 -9.80 -20.41
N ILE A 163 21.49 -8.75 -19.66
CA ILE A 163 20.98 -7.42 -19.97
C ILE A 163 22.12 -6.44 -20.11
N ASP A 164 22.23 -5.83 -21.28
CA ASP A 164 23.15 -4.74 -21.47
C ASP A 164 22.35 -3.45 -21.48
N LEU A 165 23.01 -2.35 -21.18
CA LEU A 165 22.36 -1.05 -21.20
C LEU A 165 23.13 -0.10 -22.10
N LYS A 166 22.40 0.88 -22.61
CA LYS A 166 23.04 1.99 -23.30
C LYS A 166 22.13 3.19 -23.17
N THR A 167 22.70 4.37 -23.40
CA THR A 167 21.94 5.60 -23.50
C THR A 167 21.98 6.04 -24.96
N ASP A 168 21.10 6.97 -25.33
CA ASP A 168 21.20 7.60 -26.64
C ASP A 168 22.31 8.64 -26.57
N THR A 169 22.32 9.41 -25.49
CA THR A 169 23.30 10.45 -25.27
C THR A 169 23.67 10.51 -23.79
N ASP A 170 24.82 11.09 -23.48
CA ASP A 170 25.27 11.20 -22.10
C ASP A 170 24.60 12.39 -21.42
N GLN A 171 23.87 13.18 -22.20
CA GLN A 171 23.22 14.38 -21.70
C GLN A 171 21.81 14.09 -21.20
N VAL A 172 21.59 14.27 -19.90
CA VAL A 172 20.26 14.09 -19.34
C VAL A 172 19.30 15.12 -19.95
N ASP A 173 18.08 14.68 -20.23
CA ASP A 173 17.07 15.58 -20.78
C ASP A 173 16.57 16.56 -19.71
N LEU A 174 16.85 17.84 -19.90
CA LEU A 174 16.49 18.86 -18.93
C LEU A 174 15.41 19.81 -19.45
N SER A 175 14.79 19.46 -20.57
CA SER A 175 13.83 20.33 -21.23
C SER A 175 12.51 20.42 -20.46
N SER A 176 12.30 19.49 -19.53
CA SER A 176 11.11 19.53 -18.69
C SER A 176 11.43 19.85 -17.24
N TYR A 177 12.66 20.27 -16.95
CA TYR A 177 13.02 20.54 -15.56
C TYR A 177 12.21 21.74 -15.05
N TYR A 178 11.66 21.59 -13.87
CA TYR A 178 10.79 22.62 -13.27
C TYR A 178 11.59 23.88 -13.00
N ALA A 179 11.23 24.97 -13.68
CA ALA A 179 12.01 26.20 -13.66
C ALA A 179 12.01 26.90 -12.30
N SER A 180 10.98 26.66 -11.49
CA SER A 180 10.87 27.30 -10.19
C SER A 180 11.24 26.35 -9.03
N SER A 181 11.90 25.24 -9.34
CA SER A 181 12.41 24.33 -8.31
C SER A 181 13.23 25.08 -7.27
N LYS A 182 13.34 24.53 -6.07
CA LYS A 182 14.24 25.09 -5.05
C LYS A 182 15.69 24.97 -5.50
N TYR A 183 15.94 24.02 -6.39
CA TYR A 183 17.30 23.75 -6.84
C TYR A 183 17.40 23.84 -8.35
N GLU A 184 18.49 24.43 -8.83
CA GLU A 184 18.76 24.52 -10.25
C GLU A 184 19.87 23.56 -10.64
N ILE A 185 19.82 23.06 -11.87
CA ILE A 185 20.79 22.11 -12.37
C ILE A 185 21.93 22.81 -13.11
N LEU A 186 23.16 22.54 -12.70
CA LEU A 186 24.34 23.08 -13.37
C LEU A 186 24.80 22.09 -14.43
N SER A 187 24.64 20.80 -14.15
CA SER A 187 24.81 19.77 -15.17
C SER A 187 24.23 18.43 -14.72
N ALA A 188 23.84 17.61 -15.69
CA ALA A 188 23.27 16.32 -15.41
C ALA A 188 23.63 15.35 -16.53
N THR A 189 24.46 14.37 -16.21
CA THR A 189 24.91 13.42 -17.21
C THR A 189 24.44 11.99 -16.90
N GLN A 190 24.32 11.18 -17.94
CA GLN A 190 23.95 9.78 -17.81
C GLN A 190 24.98 8.93 -18.54
N THR A 191 25.70 8.11 -17.80
CA THR A 191 26.81 7.34 -18.30
C THR A 191 26.83 5.87 -17.98
N ARG A 192 27.08 5.07 -18.99
CA ARG A 192 27.17 3.64 -18.86
C ARG A 192 28.40 3.17 -18.13
N GLN A 193 28.21 2.21 -17.25
CA GLN A 193 29.28 1.63 -16.48
C GLN A 193 29.24 0.14 -16.36
N VAL A 194 30.41 -0.44 -16.24
CA VAL A 194 30.55 -1.86 -16.00
C VAL A 194 31.17 -2.04 -14.61
N GLN A 195 30.51 -2.82 -13.77
CA GLN A 195 30.96 -3.07 -12.42
C GLN A 195 30.91 -4.50 -11.97
N HIS A 196 31.72 -4.81 -10.99
CA HIS A 196 31.79 -6.11 -10.40
C HIS A 196 31.41 -6.07 -8.96
N TYR A 197 30.66 -7.05 -8.50
CA TYR A 197 30.21 -7.14 -7.13
C TYR A 197 30.67 -8.44 -6.52
N SER A 198 30.89 -8.43 -5.22
CA SER A 198 31.44 -9.57 -4.51
C SER A 198 30.64 -10.87 -4.61
N CYS A 199 29.34 -10.79 -4.64
CA CYS A 199 28.52 -11.95 -4.77
C CYS A 199 28.71 -12.75 -6.07
N CYS A 200 28.98 -12.09 -7.17
CA CYS A 200 29.07 -12.75 -8.45
C CYS A 200 30.28 -12.54 -9.31
N PRO A 201 30.58 -13.62 -10.12
CA PRO A 201 31.69 -13.40 -11.04
C PRO A 201 31.35 -12.46 -12.19
N GLU A 202 30.14 -12.56 -12.70
CA GLU A 202 29.75 -11.75 -13.84
C GLU A 202 29.67 -10.26 -13.62
N PRO A 203 30.05 -9.49 -14.71
CA PRO A 203 29.93 -8.04 -14.51
C PRO A 203 28.50 -7.56 -14.65
N TYR A 204 28.15 -6.46 -14.02
CA TYR A 204 26.80 -5.93 -14.12
C TYR A 204 26.83 -4.56 -14.76
N ILE A 205 25.79 -4.18 -15.44
CA ILE A 205 25.75 -2.89 -16.10
C ILE A 205 24.80 -1.88 -15.49
N ASP A 206 25.26 -0.65 -15.42
CA ASP A 206 24.46 0.44 -14.94
C ASP A 206 24.65 1.71 -15.73
N VAL A 207 23.69 2.60 -15.64
CA VAL A 207 23.81 3.89 -16.22
C VAL A 207 23.93 4.80 -15.02
N ASN A 208 24.98 5.56 -14.93
CA ASN A 208 25.21 6.42 -13.81
C ASN A 208 24.69 7.80 -14.00
N LEU A 209 23.75 8.19 -13.16
CA LEU A 209 23.15 9.51 -13.25
C LEU A 209 23.88 10.47 -12.31
N VAL A 210 24.63 11.39 -12.89
CA VAL A 210 25.41 12.34 -12.10
C VAL A 210 24.84 13.74 -12.26
N VAL A 211 24.47 14.35 -11.13
CA VAL A 211 23.83 15.65 -11.14
C VAL A 211 24.58 16.65 -10.27
N LYS A 212 24.96 17.78 -10.86
CA LYS A 212 25.51 18.88 -10.10
C LYS A 212 24.42 19.94 -10.00
N PHE A 213 24.08 20.31 -8.78
CA PHE A 213 22.95 21.20 -8.56
C PHE A 213 23.22 22.21 -7.45
N ARG A 214 22.36 23.22 -7.38
CA ARG A 214 22.62 24.39 -6.56
C ARG A 214 21.30 25.04 -6.17
N GLU A 215 21.26 25.62 -4.98
CA GLU A 215 20.09 26.38 -4.55
C GLU A 215 19.81 27.50 -5.55
N ARG A 216 18.57 27.60 -6.01
CA ARG A 216 18.20 28.64 -6.95
C ARG A 216 17.96 29.97 -6.23
N ARG A 217 18.53 31.05 -6.74
CA ARG A 217 18.24 32.37 -6.20
C ARG A 217 16.82 32.79 -6.55
N ALA A 218 16.11 33.34 -5.58
CA ALA A 218 14.73 33.79 -5.78
C ALA A 218 14.64 34.80 -6.92
N SER B 11 -36.33 -6.43 -12.79
CA SER B 11 -35.64 -5.19 -12.44
C SER B 11 -34.15 -5.46 -12.23
N GLN B 12 -33.82 -6.15 -11.15
CA GLN B 12 -32.44 -6.54 -10.90
C GLN B 12 -31.96 -7.50 -11.99
N ALA B 13 -32.89 -8.31 -12.48
CA ALA B 13 -32.58 -9.28 -13.53
C ALA B 13 -32.25 -8.59 -14.84
N ASN B 14 -32.95 -7.50 -15.12
CA ASN B 14 -32.70 -6.72 -16.33
C ASN B 14 -31.34 -6.04 -16.31
N LEU B 15 -30.99 -5.43 -15.18
CA LEU B 15 -29.69 -4.81 -15.02
C LEU B 15 -28.58 -5.84 -15.14
N MET B 16 -28.75 -6.97 -14.44
CA MET B 16 -27.79 -8.06 -14.48
C MET B 16 -27.57 -8.56 -15.91
N ARG B 17 -28.66 -8.78 -16.64
CA ARG B 17 -28.57 -9.18 -18.03
C ARG B 17 -27.81 -8.14 -18.87
N LEU B 18 -28.18 -6.87 -18.70
CA LEU B 18 -27.52 -5.80 -19.43
C LEU B 18 -26.02 -5.77 -19.19
N LYS B 19 -25.63 -5.78 -17.92
CA LYS B 19 -24.21 -5.71 -17.56
C LYS B 19 -23.48 -6.94 -18.09
N SER B 20 -24.12 -8.09 -17.99
CA SER B 20 -23.56 -9.33 -18.50
C SER B 20 -23.35 -9.26 -20.01
N ASP B 21 -24.33 -8.68 -20.72
CA ASP B 21 -24.26 -8.56 -22.17
C ASP B 21 -23.13 -7.63 -22.60
N LEU B 22 -22.91 -6.57 -21.84
CA LEU B 22 -21.88 -5.59 -22.18
C LEU B 22 -20.50 -6.10 -21.81
N PHE B 23 -20.36 -6.67 -20.62
CA PHE B 23 -19.06 -7.11 -20.14
C PHE B 23 -18.75 -8.52 -20.63
N TYR B 29 -13.36 -3.84 -26.13
CA TYR B 29 -12.74 -2.54 -26.37
C TYR B 29 -11.32 -2.48 -25.81
N PRO B 30 -10.32 -2.47 -26.70
CA PRO B 30 -8.90 -2.51 -26.34
C PRO B 30 -8.30 -1.13 -26.10
N GLY B 31 -9.16 -0.11 -25.98
CA GLY B 31 -8.70 1.25 -25.86
C GLY B 31 -8.69 1.93 -27.22
N PRO B 32 -8.46 3.25 -27.23
CA PRO B 32 -8.45 4.03 -28.47
C PRO B 32 -7.25 3.73 -29.36
N THR B 33 -7.42 3.93 -30.66
CA THR B 33 -6.33 3.78 -31.63
C THR B 33 -6.42 4.90 -32.66
N LYS B 34 -5.47 4.93 -33.58
CA LYS B 34 -5.47 5.95 -34.63
C LYS B 34 -6.72 5.83 -35.50
N ASP B 35 -7.13 4.58 -35.77
CA ASP B 35 -8.32 4.32 -36.57
C ASP B 35 -9.59 4.49 -35.74
N ASP B 36 -9.45 4.50 -34.42
CA ASP B 36 -10.59 4.58 -33.52
C ASP B 36 -10.29 5.48 -32.33
N PRO B 37 -10.02 6.77 -32.59
CA PRO B 37 -9.60 7.70 -31.54
C PRO B 37 -10.73 8.01 -30.57
N LEU B 38 -10.36 8.61 -29.43
CA LEU B 38 -11.34 8.91 -28.39
C LEU B 38 -11.17 10.35 -27.91
N THR B 39 -12.30 11.03 -27.71
CA THR B 39 -12.28 12.38 -27.15
C THR B 39 -12.74 12.36 -25.69
N VAL B 40 -11.84 12.75 -24.79
CA VAL B 40 -12.17 12.80 -23.36
C VAL B 40 -12.42 14.23 -22.93
N THR B 41 -13.60 14.48 -22.36
CA THR B 41 -13.89 15.79 -21.81
C THR B 41 -13.48 15.83 -20.33
N LEU B 42 -12.67 16.83 -19.98
CA LEU B 42 -12.17 16.99 -18.61
C LEU B 42 -12.73 18.25 -17.95
N GLY B 43 -13.06 18.13 -16.68
CA GLY B 43 -13.50 19.27 -15.89
C GLY B 43 -13.02 19.15 -14.46
N PHE B 44 -12.45 20.23 -13.94
CA PHE B 44 -11.97 20.22 -12.56
C PHE B 44 -12.89 21.03 -11.65
N THR B 45 -13.21 20.43 -10.51
CA THR B 45 -13.86 21.15 -9.42
C THR B 45 -12.87 21.27 -8.28
N LEU B 46 -12.36 22.49 -8.06
CA LEU B 46 -11.34 22.72 -7.04
C LEU B 46 -11.97 22.92 -5.68
N GLN B 47 -11.70 21.98 -4.76
CA GLN B 47 -12.36 21.99 -3.45
C GLN B 47 -11.52 22.66 -2.36
N ASP B 48 -10.21 22.53 -2.43
CA ASP B 48 -9.35 22.99 -1.34
C ASP B 48 -7.88 22.98 -1.71
N ILE B 49 -7.20 24.09 -1.42
CA ILE B 49 -5.74 24.09 -1.39
C ILE B 49 -5.31 23.83 0.05
N VAL B 50 -4.86 22.62 0.33
CA VAL B 50 -4.58 22.22 1.70
C VAL B 50 -3.32 22.87 2.27
N LYS B 51 -2.23 22.79 1.51
CA LYS B 51 -0.94 23.21 2.01
C LYS B 51 -0.07 23.79 0.91
N ALA B 52 0.73 24.79 1.25
CA ALA B 52 1.73 25.34 0.35
C ALA B 52 3.10 25.32 1.01
N ASP B 53 4.00 24.47 0.53
CA ASP B 53 5.28 24.26 1.17
C ASP B 53 6.40 24.99 0.43
N SER B 54 6.87 26.08 1.04
CA SER B 54 7.88 26.93 0.45
C SER B 54 9.30 26.39 0.62
N SER B 55 9.45 25.32 1.41
CA SER B 55 10.77 24.72 1.59
C SER B 55 11.09 23.71 0.47
N THR B 56 10.05 23.21 -0.18
CA THR B 56 10.22 22.20 -1.23
C THR B 56 9.52 22.61 -2.54
N ASN B 57 8.75 23.69 -2.46
CA ASN B 57 7.93 24.16 -3.57
C ASN B 57 7.01 23.04 -4.09
N GLU B 58 6.20 22.54 -3.16
CA GLU B 58 5.11 21.63 -3.46
C GLU B 58 3.82 22.22 -2.91
N VAL B 59 2.74 22.12 -3.68
CA VAL B 59 1.44 22.51 -3.18
C VAL B 59 0.47 21.33 -3.24
N ASP B 60 -0.36 21.20 -2.22
CA ASP B 60 -1.31 20.08 -2.15
C ASP B 60 -2.71 20.55 -2.49
N LEU B 61 -3.28 19.96 -3.54
CA LEU B 61 -4.65 20.27 -3.95
C LEU B 61 -5.60 19.11 -3.69
N VAL B 62 -6.83 19.44 -3.30
CA VAL B 62 -7.92 18.49 -3.31
C VAL B 62 -8.96 18.97 -4.34
N TYR B 63 -9.29 18.09 -5.28
CA TYR B 63 -10.19 18.44 -6.36
C TYR B 63 -10.98 17.23 -6.83
N TRP B 64 -12.09 17.46 -7.53
CA TRP B 64 -12.80 16.40 -8.22
C TRP B 64 -12.50 16.53 -9.71
N GLU B 65 -12.11 15.41 -10.31
CA GLU B 65 -11.75 15.42 -11.73
C GLU B 65 -12.82 14.71 -12.55
N GLN B 66 -13.74 15.49 -13.10
CA GLN B 66 -14.81 14.93 -13.93
C GLN B 66 -14.28 14.54 -15.31
N GLN B 67 -14.39 13.25 -15.61
CA GLN B 67 -14.03 12.73 -16.93
C GLN B 67 -15.26 12.22 -17.66
N ARG B 68 -15.35 12.51 -18.95
CA ARG B 68 -16.44 12.00 -19.77
C ARG B 68 -15.95 11.57 -21.15
N TRP B 69 -16.45 10.42 -21.60
CA TRP B 69 -16.16 9.91 -22.93
C TRP B 69 -17.29 9.00 -23.38
N LYS B 70 -17.29 8.63 -24.66
CA LYS B 70 -18.37 7.82 -25.21
C LYS B 70 -17.84 6.65 -26.03
N LEU B 71 -18.40 5.47 -25.80
CA LEU B 71 -18.06 4.28 -26.58
C LEU B 71 -19.30 3.66 -27.20
N ASN B 72 -19.24 3.39 -28.50
CA ASN B 72 -20.30 2.66 -29.18
C ASN B 72 -20.52 1.30 -28.52
N SER B 73 -19.42 0.67 -28.13
CA SER B 73 -19.46 -0.67 -27.55
C SER B 73 -20.14 -0.72 -26.17
N LEU B 74 -20.60 0.43 -25.68
CA LEU B 74 -21.30 0.49 -24.40
C LEU B 74 -22.75 0.94 -24.58
N MET B 75 -23.16 1.08 -25.84
CA MET B 75 -24.54 1.48 -26.14
C MET B 75 -25.51 0.32 -25.93
N TRP B 76 -26.77 0.65 -25.65
CA TRP B 76 -27.82 -0.36 -25.56
C TRP B 76 -29.19 0.28 -25.65
N ASP B 77 -30.18 -0.51 -26.06
CA ASP B 77 -31.55 -0.04 -26.16
C ASP B 77 -32.28 -0.32 -24.85
N PRO B 78 -32.65 0.74 -24.12
CA PRO B 78 -33.40 0.63 -22.86
C PRO B 78 -34.65 -0.21 -23.03
N ASN B 79 -35.22 -0.20 -24.23
CA ASN B 79 -36.42 -0.99 -24.54
C ASN B 79 -36.17 -2.49 -24.40
N GLU B 80 -34.95 -2.92 -24.68
CA GLU B 80 -34.59 -4.33 -24.56
C GLU B 80 -34.14 -4.69 -23.14
N TYR B 81 -34.17 -3.72 -22.23
CA TYR B 81 -33.66 -3.93 -20.89
C TYR B 81 -34.49 -3.26 -19.79
N GLY B 82 -35.80 -3.39 -19.87
CA GLY B 82 -36.69 -2.87 -18.84
C GLY B 82 -36.57 -1.37 -18.63
N ASN B 83 -36.27 -0.64 -19.71
CA ASN B 83 -36.20 0.81 -19.66
C ASN B 83 -35.06 1.36 -18.81
N ILE B 84 -33.98 0.58 -18.69
CA ILE B 84 -32.79 1.07 -17.99
C ILE B 84 -32.05 2.06 -18.88
N THR B 85 -31.83 3.27 -18.37
CA THR B 85 -31.16 4.29 -19.15
C THR B 85 -29.72 4.51 -18.69
N ASP B 86 -29.42 4.07 -17.47
CA ASP B 86 -28.06 4.16 -16.95
C ASP B 86 -27.85 3.19 -15.81
N PHE B 87 -26.58 2.95 -15.47
CA PHE B 87 -26.24 2.13 -14.32
C PHE B 87 -24.85 2.47 -13.77
N ARG B 88 -24.62 2.10 -12.52
CA ARG B 88 -23.33 2.29 -11.87
C ARG B 88 -22.52 1.00 -11.94
N THR B 89 -21.20 1.13 -12.06
CA THR B 89 -20.34 -0.04 -12.11
C THR B 89 -18.94 0.33 -11.67
N SER B 90 -18.22 -0.64 -11.11
CA SER B 90 -16.83 -0.44 -10.71
C SER B 90 -16.02 0.05 -11.90
N ALA B 91 -15.11 0.99 -11.65
CA ALA B 91 -14.26 1.54 -12.70
C ALA B 91 -13.32 0.49 -13.26
N ALA B 92 -13.19 -0.63 -12.55
CA ALA B 92 -12.31 -1.70 -12.97
C ALA B 92 -13.01 -2.66 -13.93
N ASP B 93 -14.32 -2.51 -14.09
CA ASP B 93 -15.08 -3.33 -15.04
C ASP B 93 -14.98 -2.80 -16.46
N ILE B 94 -14.61 -1.52 -16.58
CA ILE B 94 -14.52 -0.88 -17.89
C ILE B 94 -13.14 -0.25 -18.13
N TRP B 95 -12.86 0.06 -19.39
CA TRP B 95 -11.68 0.84 -19.71
C TRP B 95 -11.86 2.26 -19.17
N THR B 96 -10.78 2.82 -18.62
CA THR B 96 -10.79 4.21 -18.21
C THR B 96 -9.54 4.89 -18.76
N PRO B 97 -9.64 6.20 -19.07
CA PRO B 97 -8.51 6.97 -19.59
C PRO B 97 -7.43 7.19 -18.54
N ASP B 98 -6.16 7.07 -18.94
CA ASP B 98 -5.04 7.20 -18.02
C ASP B 98 -4.66 8.67 -17.80
N ILE B 99 -5.63 9.47 -17.40
CA ILE B 99 -5.40 10.89 -17.18
C ILE B 99 -4.45 11.08 -16.00
N THR B 100 -3.40 11.88 -16.23
CA THR B 100 -2.30 11.98 -15.28
C THR B 100 -1.78 13.40 -15.15
N ALA B 101 -1.50 13.81 -13.92
CA ALA B 101 -0.82 15.07 -13.68
C ALA B 101 0.63 14.92 -14.09
N TYR B 102 1.13 15.84 -14.91
CA TYR B 102 2.47 15.74 -15.48
C TYR B 102 3.57 16.20 -14.53
N SER B 103 3.19 16.89 -13.47
CA SER B 103 4.17 17.44 -12.54
C SER B 103 3.86 17.14 -11.08
N SER B 104 3.24 15.99 -10.83
CA SER B 104 3.02 15.55 -9.47
C SER B 104 4.38 15.22 -8.84
N THR B 105 4.49 15.35 -7.53
CA THR B 105 5.70 14.97 -6.81
C THR B 105 5.47 13.80 -5.86
N ARG B 106 4.20 13.40 -5.73
CA ARG B 106 3.81 12.19 -5.00
C ARG B 106 2.75 11.46 -5.81
N PRO B 107 2.61 10.14 -5.61
CA PRO B 107 1.47 9.48 -6.23
C PRO B 107 0.17 10.17 -5.81
N VAL B 108 -0.67 10.50 -6.79
CA VAL B 108 -1.96 11.11 -6.49
C VAL B 108 -2.78 10.16 -5.64
N GLN B 109 -3.52 10.68 -4.67
CA GLN B 109 -4.30 9.85 -3.76
C GLN B 109 -5.79 9.99 -4.05
N VAL B 110 -6.44 8.85 -4.25
CA VAL B 110 -7.86 8.83 -4.59
C VAL B 110 -8.70 8.89 -3.32
N LEU B 111 -9.58 9.89 -3.23
CA LEU B 111 -10.37 10.11 -2.03
C LEU B 111 -11.76 9.47 -2.12
N SER B 112 -12.16 9.08 -3.33
CA SER B 112 -13.51 8.57 -3.55
C SER B 112 -13.52 7.15 -4.09
N PRO B 113 -14.68 6.48 -3.98
CA PRO B 113 -14.89 5.14 -4.56
C PRO B 113 -14.71 5.12 -6.09
N GLN B 114 -13.96 4.13 -6.59
CA GLN B 114 -13.69 4.01 -8.01
C GLN B 114 -14.89 3.45 -8.76
N ILE B 115 -15.89 4.28 -9.00
CA ILE B 115 -17.12 3.80 -9.64
C ILE B 115 -17.63 4.81 -10.67
N ALA B 116 -18.06 4.31 -11.84
CA ALA B 116 -18.48 5.17 -12.93
C ALA B 116 -19.96 4.99 -13.26
N VAL B 117 -20.52 5.97 -13.96
CA VAL B 117 -21.90 5.89 -14.42
C VAL B 117 -21.97 5.75 -15.93
N VAL B 118 -22.54 4.65 -16.40
CA VAL B 118 -22.68 4.40 -17.83
C VAL B 118 -24.10 4.66 -18.31
N THR B 119 -24.22 5.41 -19.40
CA THR B 119 -25.51 5.76 -19.97
C THR B 119 -25.74 5.00 -21.28
N HIS B 120 -27.00 4.72 -21.59
CA HIS B 120 -27.36 3.86 -22.72
C HIS B 120 -26.80 4.33 -24.07
N ASP B 121 -26.49 5.62 -24.19
CA ASP B 121 -25.91 6.13 -25.43
C ASP B 121 -24.41 5.83 -25.51
N GLY B 122 -23.89 5.17 -24.49
CA GLY B 122 -22.48 4.78 -24.48
C GLY B 122 -21.56 5.78 -23.79
N SER B 123 -22.14 6.84 -23.24
CA SER B 123 -21.35 7.86 -22.57
C SER B 123 -21.03 7.46 -21.12
N VAL B 124 -19.78 7.66 -20.74
CA VAL B 124 -19.36 7.36 -19.37
C VAL B 124 -19.04 8.63 -18.62
N MET B 125 -19.47 8.69 -17.37
CA MET B 125 -19.04 9.76 -16.47
C MET B 125 -18.33 9.21 -15.25
N PHE B 126 -17.12 9.71 -15.01
CA PHE B 126 -16.28 9.22 -13.94
C PHE B 126 -15.65 10.42 -13.21
N ILE B 127 -15.96 10.55 -11.93
CA ILE B 127 -15.54 11.73 -11.18
C ILE B 127 -14.82 11.39 -9.88
N PRO B 128 -13.54 11.00 -9.99
CA PRO B 128 -12.73 10.66 -8.81
C PRO B 128 -12.24 11.90 -8.07
N ALA B 129 -12.42 11.93 -6.75
CA ALA B 129 -11.83 12.96 -5.91
C ALA B 129 -10.37 12.61 -5.63
N GLN B 130 -9.49 13.59 -5.68
CA GLN B 130 -8.06 13.32 -5.56
C GLN B 130 -7.33 14.33 -4.69
N ARG B 131 -6.31 13.87 -3.98
CA ARG B 131 -5.36 14.79 -3.36
C ARG B 131 -4.04 14.67 -4.10
N LEU B 132 -3.53 15.80 -4.55
CA LEU B 132 -2.34 15.84 -5.39
C LEU B 132 -1.29 16.79 -4.84
N SER B 133 -0.07 16.31 -4.69
CA SER B 133 1.08 17.20 -4.49
C SER B 133 1.73 17.44 -5.85
N PHE B 134 1.96 18.70 -6.19
CA PHE B 134 2.58 19.03 -7.47
C PHE B 134 3.55 20.19 -7.35
N MET B 135 4.43 20.33 -8.35
CA MET B 135 5.46 21.35 -8.32
C MET B 135 4.87 22.75 -8.38
N CYS B 136 5.20 23.57 -7.39
CA CYS B 136 4.59 24.88 -7.26
C CYS B 136 5.34 25.79 -6.29
N ASP B 137 5.81 26.92 -6.82
CA ASP B 137 6.47 27.94 -6.01
C ASP B 137 5.40 28.88 -5.46
N PRO B 138 5.17 28.82 -4.14
CA PRO B 138 4.10 29.62 -3.52
C PRO B 138 4.57 31.02 -3.13
N THR B 139 5.67 31.49 -3.71
CA THR B 139 6.16 32.84 -3.44
C THR B 139 5.14 33.88 -3.88
N GLY B 140 4.82 34.82 -3.00
CA GLY B 140 3.84 35.84 -3.30
C GLY B 140 2.45 35.48 -2.79
N VAL B 141 2.32 34.28 -2.24
CA VAL B 141 1.03 33.81 -1.76
C VAL B 141 0.55 34.65 -0.58
N ASP B 142 1.48 35.35 0.05
CA ASP B 142 1.17 36.24 1.16
C ASP B 142 1.06 37.70 0.71
N SER B 143 1.03 37.91 -0.61
CA SER B 143 0.89 39.25 -1.17
C SER B 143 -0.52 39.47 -1.72
N GLU B 144 -0.78 40.70 -2.16
CA GLU B 144 -2.10 41.06 -2.68
C GLU B 144 -2.40 40.32 -3.98
N GLU B 145 -1.40 40.24 -4.86
CA GLU B 145 -1.55 39.59 -6.15
C GLU B 145 -1.55 38.06 -6.05
N GLY B 146 -1.13 37.55 -4.90
CA GLY B 146 -1.11 36.11 -4.66
C GLY B 146 -0.03 35.37 -5.44
N ALA B 147 -0.13 34.04 -5.45
CA ALA B 147 0.81 33.22 -6.19
C ALA B 147 0.11 32.53 -7.34
N THR B 148 0.87 32.19 -8.38
CA THR B 148 0.32 31.48 -9.53
C THR B 148 1.07 30.19 -9.76
N CYS B 149 0.32 29.09 -9.89
CA CYS B 149 0.92 27.83 -10.24
C CYS B 149 0.07 27.12 -11.29
N ALA B 150 0.66 26.14 -11.95
CA ALA B 150 -0.02 25.41 -12.99
C ALA B 150 0.41 23.96 -12.97
N VAL B 151 -0.47 23.10 -13.44
CA VAL B 151 -0.14 21.69 -13.58
C VAL B 151 -0.96 21.13 -14.73
N LYS B 152 -0.30 20.38 -15.62
CA LYS B 152 -0.96 19.81 -16.79
C LYS B 152 -1.54 18.43 -16.51
N PHE B 153 -2.74 18.20 -17.02
CA PHE B 153 -3.39 16.88 -16.93
C PHE B 153 -3.61 16.31 -18.33
N GLY B 154 -3.13 15.10 -18.55
CA GLY B 154 -3.33 14.45 -19.83
C GLY B 154 -3.07 12.95 -19.77
N SER B 155 -3.40 12.28 -20.86
CA SER B 155 -3.04 10.86 -21.01
C SER B 155 -1.53 10.72 -20.90
N TRP B 156 -1.07 9.72 -20.15
CA TRP B 156 0.36 9.48 -20.06
C TRP B 156 0.90 8.83 -21.34
N VAL B 157 0.14 7.91 -21.94
CA VAL B 157 0.65 7.07 -23.02
C VAL B 157 -0.05 7.18 -24.37
N TYR B 158 -1.21 7.82 -24.42
CA TYR B 158 -1.91 8.03 -25.70
C TYR B 158 -1.64 9.42 -26.27
N SER B 159 -1.12 9.46 -27.48
CA SER B 159 -0.85 10.74 -28.13
C SER B 159 -2.15 11.41 -28.58
N GLY B 160 -2.04 12.59 -29.17
CA GLY B 160 -3.20 13.29 -29.69
C GLY B 160 -3.92 12.56 -30.82
N PHE B 161 -3.25 11.59 -31.43
CA PHE B 161 -3.86 10.82 -32.52
C PHE B 161 -4.75 9.70 -31.98
N GLU B 162 -4.58 9.37 -30.70
CA GLU B 162 -5.40 8.33 -30.07
C GLU B 162 -6.40 8.93 -29.09
N ILE B 163 -5.96 9.89 -28.27
CA ILE B 163 -6.83 10.53 -27.31
C ILE B 163 -6.79 12.04 -27.47
N ASP B 164 -7.95 12.65 -27.66
CA ASP B 164 -8.05 14.09 -27.65
C ASP B 164 -8.69 14.52 -26.36
N LEU B 165 -8.30 15.68 -25.86
CA LEU B 165 -8.89 16.23 -24.64
C LEU B 165 -9.57 17.55 -24.92
N LYS B 166 -10.55 17.88 -24.10
CA LYS B 166 -11.19 19.19 -24.17
C LYS B 166 -11.92 19.49 -22.88
N THR B 167 -12.19 20.76 -22.65
CA THR B 167 -13.00 21.19 -21.52
C THR B 167 -14.38 21.57 -22.03
N ASP B 168 -15.36 21.64 -21.14
CA ASP B 168 -16.64 22.22 -21.47
C ASP B 168 -16.44 23.73 -21.52
N THR B 169 -15.87 24.26 -20.44
CA THR B 169 -15.53 25.66 -20.32
C THR B 169 -14.09 25.83 -19.82
N ASP B 170 -13.53 27.03 -19.99
CA ASP B 170 -12.18 27.30 -19.51
C ASP B 170 -12.17 27.70 -18.04
N GLN B 171 -13.35 27.69 -17.41
CA GLN B 171 -13.47 28.10 -16.02
C GLN B 171 -13.61 26.90 -15.08
N VAL B 172 -12.68 26.79 -14.14
CA VAL B 172 -12.72 25.74 -13.14
C VAL B 172 -13.95 25.94 -12.25
N ASP B 173 -14.60 24.84 -11.88
CA ASP B 173 -15.75 24.93 -10.99
C ASP B 173 -15.27 25.24 -9.56
N LEU B 174 -15.61 26.42 -9.06
CA LEU B 174 -15.21 26.84 -7.73
C LEU B 174 -16.38 26.81 -6.73
N SER B 175 -17.50 26.27 -7.17
CA SER B 175 -18.74 26.33 -6.39
C SER B 175 -18.67 25.48 -5.10
N SER B 176 -17.71 24.55 -5.05
CA SER B 176 -17.58 23.70 -3.87
C SER B 176 -16.29 23.97 -3.09
N TYR B 177 -15.59 25.05 -3.45
CA TYR B 177 -14.32 25.35 -2.78
C TYR B 177 -14.55 25.62 -1.29
N TYR B 178 -13.69 25.04 -0.46
CA TYR B 178 -13.80 25.16 0.99
C TYR B 178 -13.67 26.62 1.41
N ALA B 179 -14.73 27.14 2.03
CA ALA B 179 -14.82 28.55 2.38
C ALA B 179 -13.82 28.96 3.46
N SER B 180 -13.40 28.02 4.30
CA SER B 180 -12.48 28.35 5.38
C SER B 180 -11.07 27.77 5.17
N SER B 181 -10.72 27.56 3.91
CA SER B 181 -9.37 27.13 3.56
C SER B 181 -8.35 28.18 3.99
N LYS B 182 -7.12 27.74 4.24
CA LYS B 182 -6.02 28.67 4.50
C LYS B 182 -5.77 29.57 3.29
N TYR B 183 -6.17 29.11 2.11
CA TYR B 183 -5.91 29.85 0.88
C TYR B 183 -7.19 30.14 0.11
N GLU B 184 -7.34 31.39 -0.33
CA GLU B 184 -8.47 31.78 -1.17
C GLU B 184 -8.05 31.82 -2.63
N ILE B 185 -9.00 31.51 -3.52
CA ILE B 185 -8.75 31.43 -4.95
C ILE B 185 -9.06 32.76 -5.65
N LEU B 186 -8.06 33.33 -6.30
CA LEU B 186 -8.25 34.57 -7.05
C LEU B 186 -8.76 34.26 -8.47
N SER B 187 -8.27 33.17 -9.04
CA SER B 187 -8.82 32.66 -10.30
C SER B 187 -8.30 31.26 -10.60
N ALA B 188 -9.11 30.48 -11.31
CA ALA B 188 -8.70 29.14 -11.73
C ALA B 188 -9.26 28.82 -13.09
N THR B 189 -8.36 28.48 -14.03
CA THR B 189 -8.76 28.18 -15.38
C THR B 189 -8.22 26.83 -15.83
N GLN B 190 -8.90 26.24 -16.81
CA GLN B 190 -8.51 24.95 -17.36
C GLN B 190 -8.49 25.04 -18.88
N THR B 191 -7.32 25.03 -19.47
CA THR B 191 -7.13 25.20 -20.89
C THR B 191 -6.42 24.10 -21.63
N ARG B 192 -6.95 23.72 -22.78
CA ARG B 192 -6.38 22.68 -23.62
C ARG B 192 -5.06 23.09 -24.26
N GLN B 193 -4.10 22.19 -24.28
CA GLN B 193 -2.83 22.42 -24.91
C GLN B 193 -2.29 21.29 -25.75
N VAL B 194 -1.50 21.63 -26.73
CA VAL B 194 -0.85 20.67 -27.56
C VAL B 194 0.63 20.78 -27.32
N GLN B 195 1.26 19.68 -26.98
CA GLN B 195 2.71 19.67 -26.70
C GLN B 195 3.50 18.56 -27.31
N HIS B 196 4.77 18.80 -27.50
CA HIS B 196 5.66 17.81 -28.02
C HIS B 196 6.70 17.52 -26.99
N TYR B 197 7.14 16.28 -26.98
CA TYR B 197 8.13 15.80 -26.04
C TYR B 197 9.30 15.13 -26.75
N SER B 198 10.48 15.17 -26.16
CA SER B 198 11.68 14.64 -26.78
C SER B 198 11.57 13.23 -27.16
N CYS B 199 10.87 12.46 -26.36
CA CYS B 199 10.72 11.07 -26.62
C CYS B 199 10.01 10.66 -27.91
N CYS B 200 9.00 11.39 -28.32
CA CYS B 200 8.23 11.01 -29.47
C CYS B 200 7.92 12.08 -30.45
N PRO B 201 7.75 11.60 -31.74
CA PRO B 201 7.37 12.60 -32.72
C PRO B 201 5.94 13.12 -32.56
N GLU B 202 5.03 12.25 -32.16
CA GLU B 202 3.63 12.57 -31.99
C GLU B 202 3.32 13.58 -30.92
N PRO B 203 2.32 14.46 -31.25
CA PRO B 203 1.96 15.42 -30.20
C PRO B 203 1.11 14.86 -29.04
N TYR B 204 1.19 15.41 -27.83
CA TYR B 204 0.37 14.97 -26.68
C TYR B 204 -0.60 16.04 -26.23
N ILE B 205 -1.77 15.65 -25.79
CA ILE B 205 -2.76 16.64 -25.38
C ILE B 205 -2.96 16.74 -23.89
N ASP B 206 -2.97 17.96 -23.38
CA ASP B 206 -3.21 18.20 -21.97
C ASP B 206 -4.13 19.35 -21.70
N VAL B 207 -4.71 19.36 -20.52
CA VAL B 207 -5.55 20.41 -20.03
C VAL B 207 -4.75 21.00 -18.90
N ASN B 208 -4.41 22.26 -19.01
CA ASN B 208 -3.60 22.95 -18.05
C ASN B 208 -4.37 23.66 -16.96
N LEU B 209 -4.22 23.17 -15.75
CA LEU B 209 -4.89 23.79 -14.60
C LEU B 209 -4.03 24.93 -14.06
N VAL B 210 -4.52 26.16 -14.20
CA VAL B 210 -3.78 27.34 -13.74
C VAL B 210 -4.51 28.00 -12.59
N VAL B 211 -3.88 28.02 -11.41
CA VAL B 211 -4.49 28.58 -10.21
C VAL B 211 -3.68 29.74 -9.63
N LYS B 212 -4.35 30.87 -9.47
CA LYS B 212 -3.79 32.00 -8.73
C LYS B 212 -4.45 32.02 -7.36
N PHE B 213 -3.64 32.04 -6.31
CA PHE B 213 -4.19 31.93 -4.96
C PHE B 213 -3.35 32.69 -3.94
N ARG B 214 -3.96 32.98 -2.80
CA ARG B 214 -3.27 33.69 -1.74
C ARG B 214 -3.83 33.32 -0.38
N GLU B 215 -3.04 33.57 0.66
CA GLU B 215 -3.47 33.32 2.03
C GLU B 215 -4.74 34.08 2.35
N ARG B 216 -5.74 33.37 2.88
CA ARG B 216 -6.99 34.01 3.27
C ARG B 216 -6.84 34.72 4.62
N ARG B 217 -7.32 35.96 4.69
CA ARG B 217 -7.39 36.66 5.97
C ARG B 217 -8.44 35.98 6.85
N ALA B 218 -8.10 35.77 8.11
CA ALA B 218 -8.98 35.09 9.06
C ALA B 218 -10.34 35.79 9.17
N ASP C 7 -22.31 -33.30 15.89
CA ASP C 7 -23.34 -32.33 15.51
C ASP C 7 -22.72 -31.04 14.99
N LYS C 8 -21.52 -30.73 15.48
CA LYS C 8 -20.84 -29.49 15.12
C LYS C 8 -20.43 -29.46 13.65
N LEU C 9 -20.02 -30.61 13.13
CA LEU C 9 -19.66 -30.72 11.73
C LEU C 9 -20.89 -30.47 10.87
N HIS C 10 -22.07 -30.77 11.42
CA HIS C 10 -23.33 -30.55 10.72
C HIS C 10 -23.69 -29.07 10.68
N SER C 11 -23.40 -28.36 11.77
CA SER C 11 -23.68 -26.94 11.84
C SER C 11 -22.78 -26.15 10.88
N GLN C 12 -21.54 -26.60 10.73
CA GLN C 12 -20.61 -25.97 9.80
C GLN C 12 -21.05 -26.21 8.36
N ALA C 13 -21.53 -27.40 8.10
CA ALA C 13 -22.02 -27.76 6.80
C ALA C 13 -23.22 -26.92 6.48
N ASN C 14 -24.05 -26.70 7.48
CA ASN C 14 -25.24 -25.91 7.26
C ASN C 14 -24.92 -24.51 6.87
N LEU C 15 -23.93 -23.91 7.55
CA LEU C 15 -23.53 -22.56 7.26
C LEU C 15 -22.94 -22.47 5.89
N MET C 16 -22.15 -23.45 5.52
CA MET C 16 -21.54 -23.47 4.23
C MET C 16 -22.61 -23.53 3.18
N ARG C 17 -23.66 -24.28 3.46
CA ARG C 17 -24.77 -24.43 2.53
C ARG C 17 -25.51 -23.11 2.37
N LEU C 18 -25.79 -22.44 3.49
CA LEU C 18 -26.48 -21.16 3.45
C LEU C 18 -25.70 -20.11 2.66
N LYS C 19 -24.41 -19.98 2.98
CA LYS C 19 -23.55 -19.04 2.28
C LYS C 19 -23.48 -19.38 0.80
N SER C 20 -23.37 -20.67 0.52
CA SER C 20 -23.32 -21.17 -0.82
C SER C 20 -24.56 -20.77 -1.61
N ASP C 21 -25.72 -20.97 -1.03
CA ASP C 21 -26.96 -20.62 -1.69
C ASP C 21 -27.15 -19.15 -1.95
N LEU C 22 -26.80 -18.33 -0.98
CA LEU C 22 -26.94 -16.91 -1.12
C LEU C 22 -26.02 -16.23 -2.09
N PHE C 23 -24.75 -16.58 -2.03
CA PHE C 23 -23.76 -15.98 -2.91
C PHE C 23 -23.78 -16.39 -4.35
N ASN C 24 -23.91 -17.68 -4.58
CA ASN C 24 -24.00 -18.19 -5.90
C ASN C 24 -25.48 -18.25 -6.31
N ARG C 25 -26.10 -17.10 -6.42
CA ARG C 25 -27.48 -17.03 -6.79
C ARG C 25 -27.70 -15.89 -7.78
N TYR C 29 -26.70 -9.33 -7.00
CA TYR C 29 -27.27 -8.02 -6.70
C TYR C 29 -26.40 -6.91 -7.30
N PRO C 30 -26.98 -6.16 -8.25
CA PRO C 30 -26.28 -5.14 -9.03
C PRO C 30 -26.28 -3.76 -8.38
N GLY C 31 -26.70 -3.67 -7.13
CA GLY C 31 -26.81 -2.38 -6.47
C GLY C 31 -28.17 -1.75 -6.71
N PRO C 32 -28.49 -0.70 -5.95
CA PRO C 32 -29.80 -0.04 -6.05
C PRO C 32 -30.05 0.62 -7.41
N THR C 33 -31.32 0.75 -7.76
CA THR C 33 -31.72 1.44 -8.98
C THR C 33 -32.95 2.28 -8.67
N LYS C 34 -33.35 3.15 -9.58
CA LYS C 34 -34.52 4.00 -9.38
C LYS C 34 -35.77 3.15 -9.20
N ASP C 35 -35.78 1.97 -9.82
CA ASP C 35 -36.90 1.03 -9.70
C ASP C 35 -36.82 0.24 -8.41
N ASP C 36 -35.59 -0.01 -7.95
CA ASP C 36 -35.36 -0.78 -6.74
C ASP C 36 -34.39 -0.04 -5.82
N PRO C 37 -34.85 1.07 -5.24
CA PRO C 37 -34.03 1.94 -4.39
C PRO C 37 -33.71 1.32 -3.04
N LEU C 38 -32.67 1.83 -2.40
CA LEU C 38 -32.20 1.28 -1.12
C LEU C 38 -32.13 2.37 -0.07
N THR C 39 -32.63 2.07 1.12
CA THR C 39 -32.43 2.99 2.25
C THR C 39 -31.30 2.48 3.13
N VAL C 40 -30.27 3.29 3.28
CA VAL C 40 -29.15 2.97 4.16
C VAL C 40 -29.22 3.81 5.42
N THR C 41 -29.20 3.15 6.58
CA THR C 41 -29.18 3.87 7.84
C THR C 41 -27.73 4.10 8.29
N LEU C 42 -27.41 5.34 8.62
CA LEU C 42 -26.07 5.68 9.06
C LEU C 42 -26.06 6.17 10.50
N GLY C 43 -25.11 5.68 11.27
CA GLY C 43 -24.88 6.16 12.63
C GLY C 43 -23.40 6.31 12.91
N PHE C 44 -23.03 7.42 13.53
CA PHE C 44 -21.62 7.66 13.85
C PHE C 44 -21.34 7.52 15.34
N THR C 45 -20.28 6.79 15.65
CA THR C 45 -19.74 6.71 17.00
C THR C 45 -18.40 7.42 17.02
N LEU C 46 -18.36 8.61 17.63
CA LEU C 46 -17.14 9.40 17.64
C LEU C 46 -16.22 8.94 18.77
N GLN C 47 -15.01 8.54 18.41
CA GLN C 47 -14.12 7.93 19.38
C GLN C 47 -12.98 8.85 19.80
N ASP C 48 -12.57 9.76 18.92
CA ASP C 48 -11.44 10.61 19.24
C ASP C 48 -11.22 11.70 18.19
N ILE C 49 -10.87 12.87 18.65
CA ILE C 49 -10.42 13.89 17.76
C ILE C 49 -8.91 13.86 18.03
N VAL C 50 -8.18 13.21 17.15
CA VAL C 50 -6.74 13.08 17.30
C VAL C 50 -5.91 14.35 17.21
N LYS C 51 -6.23 15.18 16.25
CA LYS C 51 -5.46 16.34 16.00
C LYS C 51 -6.20 17.44 15.29
N ALA C 52 -5.79 18.66 15.53
CA ALA C 52 -6.37 19.79 14.86
C ALA C 52 -5.23 20.63 14.37
N ASP C 53 -5.11 20.77 13.08
CA ASP C 53 -4.04 21.47 12.45
C ASP C 53 -4.45 22.80 11.86
N SER C 54 -4.05 23.85 12.52
CA SER C 54 -4.34 25.18 12.09
C SER C 54 -3.46 25.68 10.95
N SER C 55 -2.36 25.01 10.67
CA SER C 55 -1.50 25.35 9.57
C SER C 55 -2.12 25.01 8.22
N THR C 56 -2.84 23.91 8.21
CA THR C 56 -3.49 23.46 7.01
C THR C 56 -5.00 23.40 7.05
N ASN C 57 -5.62 23.73 8.16
CA ASN C 57 -7.07 23.59 8.30
C ASN C 57 -7.63 22.16 8.03
N GLU C 58 -7.04 21.17 8.66
CA GLU C 58 -7.44 19.79 8.57
C GLU C 58 -7.60 19.22 9.95
N VAL C 59 -8.59 18.39 10.15
CA VAL C 59 -8.80 17.77 11.42
C VAL C 59 -8.91 16.28 11.26
N ASP C 60 -8.30 15.56 12.18
CA ASP C 60 -8.31 14.12 12.14
C ASP C 60 -9.18 13.49 13.20
N LEU C 61 -10.15 12.72 12.77
CA LEU C 61 -11.05 12.03 13.67
C LEU C 61 -10.99 10.55 13.55
N VAL C 62 -11.24 9.89 14.65
CA VAL C 62 -11.41 8.43 14.66
C VAL C 62 -12.85 8.14 15.06
N TYR C 63 -13.53 7.30 14.28
CA TYR C 63 -14.94 7.02 14.53
C TYR C 63 -15.37 5.67 14.00
N TRP C 64 -16.50 5.18 14.50
CA TRP C 64 -17.12 3.98 13.96
C TRP C 64 -18.31 4.41 13.12
N GLU C 65 -18.38 3.90 11.89
CA GLU C 65 -19.44 4.28 10.98
C GLU C 65 -20.41 3.11 10.83
N GLN C 66 -21.47 3.13 11.62
CA GLN C 66 -22.44 2.04 11.58
C GLN C 66 -23.33 2.15 10.34
N GLN C 67 -23.32 1.08 9.55
CA GLN C 67 -24.11 1.05 8.33
C GLN C 67 -25.08 -0.12 8.35
N ARG C 68 -26.34 0.17 8.05
CA ARG C 68 -27.34 -0.89 7.96
C ARG C 68 -28.21 -0.72 6.72
N TRP C 69 -28.48 -1.82 6.04
CA TRP C 69 -29.42 -1.83 4.93
C TRP C 69 -30.08 -3.21 4.85
N LYS C 70 -31.13 -3.30 4.05
CA LYS C 70 -31.93 -4.52 3.99
C LYS C 70 -32.12 -4.97 2.56
N LEU C 71 -31.71 -6.19 2.28
CA LEU C 71 -31.85 -6.77 0.96
C LEU C 71 -32.72 -8.02 0.94
N ASN C 72 -33.74 -8.02 0.10
CA ASN C 72 -34.61 -9.18 -0.01
C ASN C 72 -33.81 -10.36 -0.45
N SER C 73 -32.82 -10.13 -1.30
CA SER C 73 -31.98 -11.19 -1.81
C SER C 73 -31.15 -11.85 -0.74
N LEU C 74 -31.09 -11.24 0.42
CA LEU C 74 -30.33 -11.81 1.51
C LEU C 74 -31.13 -12.57 2.53
N MET C 75 -32.42 -12.70 2.32
CA MET C 75 -33.27 -13.42 3.23
C MET C 75 -33.18 -14.94 3.15
N TRP C 76 -33.32 -15.59 4.29
CA TRP C 76 -33.35 -17.02 4.42
C TRP C 76 -34.22 -17.43 5.58
N ASP C 77 -34.71 -18.65 5.53
CA ASP C 77 -35.52 -19.16 6.58
C ASP C 77 -34.60 -19.95 7.45
N PRO C 78 -34.55 -19.49 8.74
CA PRO C 78 -33.64 -20.23 9.61
C PRO C 78 -33.91 -21.70 9.74
N ASN C 79 -35.17 -22.11 9.74
CA ASN C 79 -35.54 -23.50 9.89
C ASN C 79 -34.96 -24.37 8.82
N GLU C 80 -34.86 -23.86 7.62
CA GLU C 80 -34.26 -24.61 6.53
C GLU C 80 -32.75 -24.71 6.64
N TYR C 81 -32.13 -23.95 7.54
CA TYR C 81 -30.69 -23.97 7.70
C TYR C 81 -30.18 -24.29 9.09
N GLY C 82 -30.91 -25.06 9.89
CA GLY C 82 -30.48 -25.38 11.22
C GLY C 82 -30.55 -24.28 12.24
N ASN C 83 -31.44 -23.34 12.03
CA ASN C 83 -31.59 -22.25 12.95
C ASN C 83 -30.52 -21.16 12.93
N ILE C 84 -29.78 -21.05 11.85
CA ILE C 84 -28.81 -20.01 11.74
C ILE C 84 -29.63 -18.76 11.64
N THR C 85 -29.36 -17.76 12.45
CA THR C 85 -30.10 -16.52 12.36
C THR C 85 -29.26 -15.41 11.76
N ASP C 86 -27.97 -15.60 11.78
CA ASP C 86 -27.04 -14.62 11.25
C ASP C 86 -25.70 -15.26 10.93
N PHE C 87 -24.87 -14.54 10.18
CA PHE C 87 -23.50 -14.98 9.96
C PHE C 87 -22.57 -13.81 9.66
N ARG C 88 -21.28 -14.03 9.88
CA ARG C 88 -20.25 -13.08 9.52
C ARG C 88 -19.69 -13.44 8.15
N THR C 89 -19.45 -12.43 7.33
CA THR C 89 -18.83 -12.65 6.04
C THR C 89 -18.02 -11.42 5.63
N SER C 90 -16.91 -11.66 4.94
CA SER C 90 -16.09 -10.59 4.39
C SER C 90 -16.96 -9.61 3.62
N ALA C 91 -16.72 -8.32 3.83
CA ALA C 91 -17.49 -7.29 3.15
C ALA C 91 -17.28 -7.34 1.64
N ALA C 92 -16.29 -8.12 1.20
CA ALA C 92 -15.98 -8.26 -0.22
C ALA C 92 -16.88 -9.29 -0.89
N ASP C 93 -17.53 -10.13 -0.09
CA ASP C 93 -18.42 -11.16 -0.62
C ASP C 93 -19.79 -10.57 -0.96
N ILE C 94 -20.05 -9.36 -0.48
CA ILE C 94 -21.37 -8.74 -0.63
C ILE C 94 -21.26 -7.32 -1.17
N TRP C 95 -22.38 -6.79 -1.63
CA TRP C 95 -22.44 -5.40 -2.01
C TRP C 95 -22.45 -4.51 -0.77
N THR C 96 -21.72 -3.41 -0.82
CA THR C 96 -21.72 -2.43 0.25
C THR C 96 -21.85 -1.04 -0.35
N PRO C 97 -22.58 -0.16 0.34
CA PRO C 97 -22.80 1.20 -0.18
C PRO C 97 -21.50 1.99 -0.23
N ASP C 98 -21.40 2.90 -1.19
CA ASP C 98 -20.19 3.70 -1.37
C ASP C 98 -20.27 4.98 -0.55
N ILE C 99 -20.62 4.86 0.73
CA ILE C 99 -20.73 6.01 1.61
C ILE C 99 -19.38 6.68 1.78
N THR C 100 -19.34 7.99 1.52
CA THR C 100 -18.09 8.74 1.42
C THR C 100 -18.18 10.10 2.09
N ALA C 101 -17.08 10.50 2.74
CA ALA C 101 -16.96 11.85 3.25
C ALA C 101 -16.70 12.79 2.09
N TYR C 102 -17.48 13.86 2.00
CA TYR C 102 -17.42 14.76 0.84
C TYR C 102 -16.32 15.80 0.91
N SER C 103 -15.61 15.84 2.04
CA SER C 103 -14.58 16.85 2.23
C SER C 103 -13.37 16.28 2.96
N SER C 104 -13.02 15.03 2.66
CA SER C 104 -11.78 14.46 3.17
C SER C 104 -10.60 15.10 2.43
N THR C 105 -9.41 15.00 3.01
CA THR C 105 -8.20 15.57 2.42
C THR C 105 -7.14 14.48 2.25
N ARG C 106 -7.42 13.32 2.82
CA ARG C 106 -6.58 12.13 2.70
CA ARG C 106 -6.58 12.14 2.65
C ARG C 106 -7.47 10.92 2.51
N PRO C 107 -6.93 9.85 1.92
CA PRO C 107 -7.78 8.66 1.87
C PRO C 107 -8.10 8.18 3.28
N VAL C 108 -9.36 7.84 3.53
CA VAL C 108 -9.76 7.31 4.83
C VAL C 108 -8.93 6.07 5.15
N GLN C 109 -8.53 5.93 6.40
CA GLN C 109 -7.79 4.75 6.83
C GLN C 109 -8.71 3.83 7.62
N VAL C 110 -8.74 2.56 7.22
CA VAL C 110 -9.59 1.57 7.87
C VAL C 110 -8.85 0.94 9.04
N LEU C 111 -9.46 0.97 10.22
CA LEU C 111 -8.80 0.51 11.44
C LEU C 111 -9.34 -0.84 11.92
N SER C 112 -10.45 -1.27 11.34
CA SER C 112 -11.06 -2.52 11.73
C SER C 112 -11.19 -3.51 10.57
N PRO C 113 -11.29 -4.81 10.89
CA PRO C 113 -11.52 -5.88 9.91
C PRO C 113 -12.73 -5.57 9.04
N GLN C 114 -12.61 -5.75 7.73
CA GLN C 114 -13.71 -5.44 6.84
C GLN C 114 -14.67 -6.63 6.74
N ILE C 115 -15.44 -6.82 7.80
CA ILE C 115 -16.39 -7.94 7.89
C ILE C 115 -17.78 -7.44 8.27
N ALA C 116 -18.80 -7.91 7.56
CA ALA C 116 -20.18 -7.50 7.84
C ALA C 116 -20.98 -8.63 8.47
N VAL C 117 -22.06 -8.27 9.15
CA VAL C 117 -22.96 -9.26 9.72
C VAL C 117 -24.28 -9.26 8.96
N VAL C 118 -24.75 -10.45 8.59
CA VAL C 118 -26.00 -10.58 7.85
C VAL C 118 -27.01 -11.39 8.65
N THR C 119 -28.23 -10.87 8.75
CA THR C 119 -29.28 -11.57 9.49
C THR C 119 -30.31 -12.15 8.53
N HIS C 120 -30.96 -13.24 8.96
CA HIS C 120 -31.89 -14.00 8.12
C HIS C 120 -32.97 -13.14 7.49
N ASP C 121 -33.31 -12.01 8.12
CA ASP C 121 -34.31 -11.12 7.57
C ASP C 121 -33.75 -10.29 6.41
N GLY C 122 -32.50 -10.56 6.07
CA GLY C 122 -31.88 -9.93 4.92
C GLY C 122 -31.22 -8.60 5.21
N SER C 123 -31.21 -8.18 6.47
CA SER C 123 -30.60 -6.92 6.85
C SER C 123 -29.11 -7.11 7.12
N VAL C 124 -28.31 -6.14 6.71
CA VAL C 124 -26.87 -6.20 6.93
C VAL C 124 -26.43 -5.12 7.90
N MET C 125 -25.45 -5.43 8.74
CA MET C 125 -24.82 -4.41 9.57
C MET C 125 -23.32 -4.36 9.34
N PHE C 126 -22.82 -3.19 8.99
CA PHE C 126 -21.40 -3.02 8.69
C PHE C 126 -20.87 -1.82 9.47
N ILE C 127 -19.87 -2.04 10.32
CA ILE C 127 -19.36 -0.97 11.17
C ILE C 127 -17.85 -0.85 11.08
N PRO C 128 -17.36 -0.17 10.03
CA PRO C 128 -15.92 0.05 9.90
C PRO C 128 -15.43 1.14 10.85
N ALA C 129 -14.33 0.88 11.55
CA ALA C 129 -13.64 1.93 12.28
C ALA C 129 -12.71 2.64 11.32
N GLN C 130 -12.68 3.97 11.37
CA GLN C 130 -11.91 4.74 10.41
C GLN C 130 -11.21 5.94 11.04
N ARG C 131 -10.04 6.28 10.50
CA ARG C 131 -9.44 7.58 10.77
C ARG C 131 -9.63 8.47 9.55
N LEU C 132 -10.15 9.66 9.77
CA LEU C 132 -10.46 10.58 8.67
C LEU C 132 -9.85 11.97 8.85
N SER C 133 -9.08 12.42 7.87
CA SER C 133 -8.70 13.83 7.79
C SER C 133 -9.71 14.56 6.90
N PHE C 134 -10.25 15.66 7.40
CA PHE C 134 -11.24 16.41 6.63
C PHE C 134 -11.03 17.91 6.81
N MET C 135 -11.65 18.69 5.93
CA MET C 135 -11.47 20.13 5.92
C MET C 135 -12.15 20.77 7.11
N CYS C 136 -11.40 21.58 7.85
CA CYS C 136 -11.89 22.13 9.11
C CYS C 136 -10.97 23.23 9.64
N ASP C 137 -11.53 24.41 9.88
CA ASP C 137 -10.80 25.51 10.51
C ASP C 137 -11.02 25.49 12.02
N PRO C 138 -9.98 25.08 12.77
CA PRO C 138 -10.08 24.89 14.22
C PRO C 138 -9.99 26.18 15.02
N THR C 139 -10.11 27.32 14.35
CA THR C 139 -10.05 28.61 15.04
C THR C 139 -11.13 28.68 16.10
N GLY C 140 -10.74 29.08 17.31
CA GLY C 140 -11.67 29.18 18.42
C GLY C 140 -11.72 27.92 19.28
N VAL C 141 -10.92 26.93 18.92
CA VAL C 141 -10.90 25.67 19.66
C VAL C 141 -10.27 25.86 21.04
N ASP C 142 -9.52 26.94 21.21
CA ASP C 142 -8.91 27.28 22.49
C ASP C 142 -9.74 28.32 23.23
N SER C 143 -10.96 28.56 22.74
CA SER C 143 -11.86 29.49 23.40
C SER C 143 -12.97 28.75 24.12
N GLU C 144 -13.80 29.48 24.85
CA GLU C 144 -14.88 28.88 25.63
C GLU C 144 -15.92 28.23 24.73
N GLU C 145 -16.39 28.99 23.75
CA GLU C 145 -17.39 28.50 22.81
C GLU C 145 -16.83 27.35 21.96
N GLY C 146 -15.51 27.30 21.80
CA GLY C 146 -14.87 26.25 21.03
C GLY C 146 -14.97 26.46 19.52
N ALA C 147 -14.58 25.43 18.77
CA ALA C 147 -14.65 25.48 17.31
C ALA C 147 -15.73 24.54 16.78
N THR C 148 -16.32 24.91 15.65
CA THR C 148 -17.33 24.09 15.00
C THR C 148 -16.87 23.65 13.62
N CYS C 149 -17.10 22.39 13.30
CA CYS C 149 -16.77 21.88 11.97
C CYS C 149 -17.82 20.87 11.52
N ALA C 150 -17.85 20.61 10.22
CA ALA C 150 -18.86 19.74 9.63
C ALA C 150 -18.29 18.97 8.45
N VAL C 151 -18.78 17.75 8.27
CA VAL C 151 -18.41 16.95 7.12
C VAL C 151 -19.59 16.11 6.67
N LYS C 152 -19.94 16.22 5.39
CA LYS C 152 -21.08 15.49 4.83
C LYS C 152 -20.68 14.07 4.47
N PHE C 153 -21.58 13.13 4.77
CA PHE C 153 -21.40 11.74 4.40
C PHE C 153 -22.56 11.31 3.49
N GLY C 154 -22.24 10.62 2.41
CA GLY C 154 -23.24 10.16 1.48
C GLY C 154 -22.63 9.29 0.40
N SER C 155 -23.48 8.71 -0.44
CA SER C 155 -22.99 7.95 -1.59
C SER C 155 -22.30 8.89 -2.56
N TRP C 156 -21.25 8.40 -3.19
CA TRP C 156 -20.51 9.21 -4.16
C TRP C 156 -21.19 9.19 -5.53
N VAL C 157 -21.74 8.04 -5.93
CA VAL C 157 -22.26 7.88 -7.28
C VAL C 157 -23.78 7.64 -7.38
N TYR C 158 -24.44 7.40 -6.25
CA TYR C 158 -25.89 7.18 -6.26
C TYR C 158 -26.67 8.39 -5.79
N SER C 159 -27.66 8.79 -6.59
CA SER C 159 -28.50 9.93 -6.24
C SER C 159 -29.58 9.50 -5.25
N GLY C 160 -30.37 10.46 -4.79
CA GLY C 160 -31.44 10.16 -3.85
C GLY C 160 -32.50 9.22 -4.42
N PHE C 161 -32.42 8.96 -5.72
CA PHE C 161 -33.38 8.07 -6.38
C PHE C 161 -32.97 6.61 -6.26
N GLU C 162 -31.67 6.36 -6.10
CA GLU C 162 -31.17 5.01 -5.94
C GLU C 162 -30.85 4.69 -4.47
N ILE C 163 -30.33 5.67 -3.75
CA ILE C 163 -29.98 5.47 -2.35
C ILE C 163 -30.50 6.60 -1.47
N ASP C 164 -31.40 6.24 -0.56
CA ASP C 164 -31.87 7.19 0.45
C ASP C 164 -31.13 6.94 1.75
N LEU C 165 -30.88 8.00 2.50
CA LEU C 165 -30.19 7.88 3.77
C LEU C 165 -31.12 8.18 4.93
N LYS C 166 -30.96 7.42 6.02
CA LYS C 166 -31.70 7.67 7.26
C LYS C 166 -30.77 7.61 8.47
N THR C 167 -31.15 8.29 9.54
CA THR C 167 -30.49 8.14 10.83
C THR C 167 -31.50 7.65 11.85
N ASP C 168 -31.02 6.92 12.86
CA ASP C 168 -31.90 6.49 13.96
C ASP C 168 -32.05 7.60 14.99
N THR C 169 -31.17 8.59 14.91
CA THR C 169 -31.16 9.71 15.83
C THR C 169 -30.26 10.81 15.27
N ASP C 170 -30.51 12.05 15.68
CA ASP C 170 -29.67 13.15 15.25
C ASP C 170 -28.47 13.31 16.18
N GLN C 171 -28.46 12.52 17.24
CA GLN C 171 -27.40 12.56 18.25
C GLN C 171 -26.29 11.56 17.97
N VAL C 172 -25.08 12.08 17.73
CA VAL C 172 -23.90 11.23 17.59
C VAL C 172 -23.65 10.45 18.88
N ASP C 173 -23.29 9.18 18.75
CA ASP C 173 -22.95 8.39 19.93
C ASP C 173 -21.57 8.78 20.48
N LEU C 174 -21.57 9.32 21.70
CA LEU C 174 -20.33 9.75 22.34
C LEU C 174 -19.95 8.86 23.52
N SER C 175 -20.67 7.76 23.70
CA SER C 175 -20.49 6.91 24.87
C SER C 175 -19.11 6.25 24.87
N SER C 176 -18.42 6.28 23.72
CA SER C 176 -17.09 5.68 23.60
C SER C 176 -16.00 6.71 23.30
N TYR C 177 -16.30 8.00 23.46
CA TYR C 177 -15.31 9.02 23.14
C TYR C 177 -14.17 8.98 24.14
N TYR C 178 -12.94 9.08 23.63
CA TYR C 178 -11.75 8.99 24.46
C TYR C 178 -11.68 10.11 25.48
N ALA C 179 -11.81 9.76 26.75
CA ALA C 179 -11.93 10.74 27.84
C ALA C 179 -10.72 11.65 27.98
N SER C 180 -9.55 11.15 27.62
CA SER C 180 -8.32 11.92 27.79
C SER C 180 -7.79 12.50 26.48
N SER C 181 -8.67 12.60 25.48
CA SER C 181 -8.30 13.23 24.22
C SER C 181 -7.86 14.67 24.45
N LYS C 182 -7.03 15.18 23.55
CA LYS C 182 -6.64 16.59 23.60
C LYS C 182 -7.86 17.49 23.45
N TYR C 183 -8.90 16.98 22.82
CA TYR C 183 -10.10 17.76 22.57
C TYR C 183 -11.34 17.13 23.20
N GLU C 184 -12.23 17.97 23.71
CA GLU C 184 -13.47 17.48 24.27
C GLU C 184 -14.63 17.92 23.39
N ILE C 185 -15.70 17.14 23.38
CA ILE C 185 -16.87 17.41 22.55
C ILE C 185 -17.91 18.23 23.30
N LEU C 186 -18.25 19.39 22.77
CA LEU C 186 -19.31 20.21 23.35
C LEU C 186 -20.66 19.75 22.82
N SER C 187 -20.69 19.35 21.55
CA SER C 187 -21.85 18.70 20.96
C SER C 187 -21.53 18.12 19.59
N ALA C 188 -22.34 17.15 19.17
CA ALA C 188 -22.12 16.47 17.92
C ALA C 188 -23.45 15.92 17.37
N THR C 189 -23.83 16.39 16.18
CA THR C 189 -25.08 15.98 15.58
C THR C 189 -24.86 15.35 14.21
N GLN C 190 -25.80 14.51 13.81
CA GLN C 190 -25.79 13.87 12.50
C GLN C 190 -27.16 14.06 11.84
N THR C 191 -27.24 14.89 10.82
CA THR C 191 -28.50 15.24 10.21
C THR C 191 -28.66 15.01 8.71
N ARG C 192 -29.77 14.41 8.31
CA ARG C 192 -30.09 14.16 6.90
C ARG C 192 -30.23 15.45 6.13
N GLN C 193 -29.63 15.48 4.96
CA GLN C 193 -29.60 16.64 4.09
C GLN C 193 -29.75 16.25 2.63
N VAL C 194 -30.19 17.18 1.78
CA VAL C 194 -30.31 16.93 0.34
C VAL C 194 -29.63 18.01 -0.50
N GLN C 195 -28.64 17.64 -1.29
CA GLN C 195 -27.92 18.63 -2.09
C GLN C 195 -27.84 18.37 -3.59
N HIS C 196 -27.45 19.39 -4.32
CA HIS C 196 -27.32 19.33 -5.75
C HIS C 196 -25.94 19.70 -6.14
N TYR C 197 -25.48 19.14 -7.25
CA TYR C 197 -24.14 19.37 -7.77
C TYR C 197 -24.09 19.76 -9.22
N SER C 198 -23.02 20.43 -9.59
CA SER C 198 -22.84 20.97 -10.95
C SER C 198 -22.90 19.91 -12.02
N CYS C 199 -22.29 18.78 -11.78
CA CYS C 199 -22.32 17.69 -12.73
C CYS C 199 -23.69 17.11 -12.98
N CYS C 200 -24.53 16.97 -11.94
CA CYS C 200 -25.82 16.30 -12.10
C CYS C 200 -27.15 16.92 -11.68
N PRO C 201 -28.16 16.65 -12.57
CA PRO C 201 -29.47 17.19 -12.20
C PRO C 201 -30.05 16.51 -10.97
N GLU C 202 -29.91 15.20 -10.86
CA GLU C 202 -30.48 14.46 -9.76
C GLU C 202 -29.94 14.79 -8.37
N PRO C 203 -30.91 14.87 -7.37
CA PRO C 203 -30.37 15.18 -6.03
C PRO C 203 -29.60 14.07 -5.37
N TYR C 204 -28.64 14.41 -4.54
CA TYR C 204 -27.87 13.44 -3.78
C TYR C 204 -28.20 13.63 -2.29
N ILE C 205 -28.21 12.56 -1.51
CA ILE C 205 -28.55 12.68 -0.10
C ILE C 205 -27.34 12.51 0.79
N ASP C 206 -27.23 13.31 1.84
CA ASP C 206 -26.11 13.20 2.76
C ASP C 206 -26.47 13.35 4.24
N VAL C 207 -25.62 12.83 5.09
CA VAL C 207 -25.80 13.00 6.51
C VAL C 207 -24.66 13.92 6.89
N ASN C 208 -25.00 15.01 7.51
CA ASN C 208 -24.06 16.01 7.90
C ASN C 208 -23.63 15.81 9.34
N LEU C 209 -22.35 15.64 9.54
CA LEU C 209 -21.79 15.49 10.89
C LEU C 209 -21.26 16.83 11.38
N VAL C 210 -21.97 17.42 12.35
CA VAL C 210 -21.54 18.68 12.93
C VAL C 210 -20.95 18.49 14.31
N VAL C 211 -19.66 18.81 14.46
CA VAL C 211 -18.97 18.64 15.73
C VAL C 211 -18.46 19.96 16.29
N LYS C 212 -18.91 20.30 17.50
CA LYS C 212 -18.39 21.45 18.21
C LYS C 212 -17.44 20.94 19.27
N PHE C 213 -16.19 21.37 19.21
CA PHE C 213 -15.16 20.83 20.09
C PHE C 213 -14.22 21.91 20.59
N ARG C 214 -13.42 21.54 21.59
CA ARG C 214 -12.64 22.51 22.35
C ARG C 214 -11.47 21.82 23.03
N GLU C 215 -10.35 22.53 23.18
CA GLU C 215 -9.20 22.00 23.89
C GLU C 215 -9.58 21.60 25.32
N ARG C 216 -9.30 20.35 25.68
CA ARG C 216 -9.61 19.86 27.02
C ARG C 216 -8.59 20.37 28.04
N ARG C 217 -9.07 21.00 29.09
CA ARG C 217 -8.19 21.43 30.17
C ARG C 217 -7.53 20.22 30.83
N ALA C 218 -6.20 20.24 30.90
CA ALA C 218 -5.44 19.13 31.48
C ALA C 218 -5.79 18.92 32.95
N SER D 11 8.95 -37.46 2.64
CA SER D 11 8.36 -36.71 3.69
C SER D 11 7.70 -35.52 3.04
N GLN D 12 8.30 -35.01 1.98
CA GLN D 12 7.71 -33.88 1.32
C GLN D 12 6.35 -34.26 0.79
N ALA D 13 6.24 -35.43 0.20
CA ALA D 13 4.98 -35.89 -0.33
C ALA D 13 3.98 -36.05 0.77
N ASN D 14 4.41 -36.60 1.89
CA ASN D 14 3.49 -36.76 2.99
C ASN D 14 2.95 -35.41 3.45
N LEU D 15 3.81 -34.42 3.59
CA LEU D 15 3.36 -33.13 4.02
C LEU D 15 2.41 -32.54 3.03
N MET D 16 2.73 -32.67 1.77
CA MET D 16 1.88 -32.11 0.76
C MET D 16 0.53 -32.77 0.79
N ARG D 17 0.53 -34.07 0.92
CA ARG D 17 -0.69 -34.81 0.97
C ARG D 17 -1.51 -34.38 2.16
N LEU D 18 -0.88 -34.19 3.30
CA LEU D 18 -1.60 -33.79 4.48
C LEU D 18 -2.24 -32.45 4.30
N LYS D 19 -1.49 -31.54 3.75
CA LYS D 19 -1.99 -30.21 3.54
C LYS D 19 -3.14 -30.23 2.56
N SER D 20 -3.01 -31.04 1.53
CA SER D 20 -4.05 -31.15 0.55
C SER D 20 -5.31 -31.71 1.18
N ASP D 21 -5.13 -32.73 1.98
CA ASP D 21 -6.23 -33.36 2.64
C ASP D 21 -6.93 -32.41 3.59
N LEU D 22 -6.20 -31.49 4.15
CA LEU D 22 -6.75 -30.54 5.11
C LEU D 22 -7.44 -29.36 4.42
N PHE D 23 -6.85 -28.86 3.35
CA PHE D 23 -7.35 -27.65 2.69
C PHE D 23 -8.18 -27.96 1.45
N TYR D 29 -14.29 -24.99 7.10
CA TYR D 29 -14.57 -24.26 8.34
C TYR D 29 -14.92 -22.79 8.05
N PRO D 30 -16.18 -22.43 8.30
CA PRO D 30 -16.74 -21.11 7.97
C PRO D 30 -16.58 -20.08 9.09
N GLY D 31 -15.62 -20.29 9.98
CA GLY D 31 -15.50 -19.45 11.16
C GLY D 31 -16.45 -19.92 12.25
N PRO D 32 -16.30 -19.36 13.46
CA PRO D 32 -17.10 -19.76 14.62
C PRO D 32 -18.57 -19.35 14.53
N THR D 33 -19.43 -20.09 15.21
CA THR D 33 -20.87 -19.81 15.24
C THR D 33 -21.43 -20.06 16.65
N LYS D 34 -22.64 -19.58 16.90
CA LYS D 34 -23.26 -19.72 18.22
C LYS D 34 -23.36 -21.19 18.62
N ASP D 35 -23.54 -22.06 17.63
CA ASP D 35 -23.59 -23.49 17.89
C ASP D 35 -22.18 -24.07 18.00
N ASP D 36 -21.25 -23.51 17.24
CA ASP D 36 -19.87 -23.98 17.23
C ASP D 36 -18.92 -22.87 17.70
N PRO D 37 -18.95 -22.55 18.99
CA PRO D 37 -18.18 -21.44 19.55
C PRO D 37 -16.68 -21.72 19.57
N LEU D 38 -15.87 -20.67 19.63
CA LEU D 38 -14.43 -20.83 19.62
C LEU D 38 -13.79 -20.05 20.77
N THR D 39 -12.82 -20.67 21.42
CA THR D 39 -12.05 -19.99 22.46
C THR D 39 -10.64 -19.71 21.96
N VAL D 40 -10.33 -18.43 21.79
CA VAL D 40 -8.97 -18.03 21.43
C VAL D 40 -8.20 -17.56 22.67
N THR D 41 -7.01 -18.12 22.86
CA THR D 41 -6.14 -17.67 23.94
C THR D 41 -5.23 -16.55 23.44
N LEU D 42 -5.31 -15.39 24.09
CA LEU D 42 -4.46 -14.25 23.75
C LEU D 42 -3.38 -14.04 24.80
N GLY D 43 -2.18 -13.68 24.33
CA GLY D 43 -1.08 -13.32 25.19
C GLY D 43 -0.25 -12.23 24.53
N PHE D 44 0.20 -11.26 25.31
CA PHE D 44 0.99 -10.16 24.74
C PHE D 44 2.41 -10.14 25.27
N THR D 45 3.35 -9.96 24.34
CA THR D 45 4.74 -9.71 24.68
C THR D 45 5.11 -8.29 24.25
N LEU D 46 5.42 -7.45 25.23
CA LEU D 46 5.70 -6.05 24.95
C LEU D 46 7.20 -5.86 24.70
N GLN D 47 7.54 -5.44 23.48
CA GLN D 47 8.95 -5.35 23.10
C GLN D 47 9.52 -3.95 23.22
N ASP D 48 8.70 -2.93 22.98
CA ASP D 48 9.20 -1.57 23.01
C ASP D 48 8.08 -0.55 22.97
N ILE D 49 8.19 0.48 23.80
CA ILE D 49 7.38 1.68 23.64
C ILE D 49 8.23 2.71 22.89
N VAL D 50 7.96 2.84 21.60
CA VAL D 50 8.81 3.63 20.71
C VAL D 50 8.68 5.12 20.94
N LYS D 51 7.44 5.57 21.16
CA LYS D 51 7.12 6.98 21.10
C LYS D 51 5.85 7.32 21.89
N ALA D 52 5.86 8.47 22.55
CA ALA D 52 4.66 8.97 23.22
C ALA D 52 4.44 10.43 22.82
N ASP D 53 3.36 10.68 22.08
CA ASP D 53 3.09 11.99 21.51
C ASP D 53 2.09 12.74 22.40
N SER D 54 2.59 13.68 23.19
CA SER D 54 1.74 14.44 24.11
C SER D 54 0.93 15.51 23.39
N SER D 55 1.26 15.77 22.13
CA SER D 55 0.56 16.78 21.36
C SER D 55 -0.74 16.23 20.73
N THR D 56 -0.81 14.91 20.59
CA THR D 56 -1.99 14.25 20.02
C THR D 56 -2.53 13.16 20.92
N ASN D 57 -1.78 12.84 21.98
CA ASN D 57 -2.11 11.75 22.88
C ASN D 57 -2.23 10.41 22.15
N GLU D 58 -1.16 10.07 21.43
CA GLU D 58 -1.00 8.77 20.81
C GLU D 58 0.31 8.17 21.28
N VAL D 59 0.28 6.89 21.63
CA VAL D 59 1.51 6.18 21.93
C VAL D 59 1.69 5.04 20.94
N ASP D 60 2.95 4.72 20.63
CA ASP D 60 3.28 3.67 19.69
C ASP D 60 3.92 2.49 20.39
N LEU D 61 3.32 1.31 20.24
CA LEU D 61 3.84 0.09 20.85
C LEU D 61 4.33 -0.89 19.81
N VAL D 62 5.43 -1.56 20.12
CA VAL D 62 5.82 -2.75 19.38
C VAL D 62 5.64 -3.95 20.32
N TYR D 63 4.88 -4.94 19.88
CA TYR D 63 4.56 -6.10 20.71
C TYR D 63 4.31 -7.33 19.84
N TRP D 64 4.42 -8.50 20.45
CA TRP D 64 4.04 -9.74 19.79
C TRP D 64 2.71 -10.21 20.38
N GLU D 65 1.76 -10.50 19.51
CA GLU D 65 0.45 -10.93 19.95
C GLU D 65 0.29 -12.44 19.71
N GLN D 66 0.41 -13.23 20.78
CA GLN D 66 0.26 -14.68 20.65
C GLN D 66 -1.20 -15.09 20.62
N GLN D 67 -1.61 -15.68 19.49
CA GLN D 67 -2.95 -16.19 19.34
C GLN D 67 -2.91 -17.71 19.23
N ARG D 68 -3.75 -18.38 19.99
CA ARG D 68 -3.85 -19.83 19.91
C ARG D 68 -5.32 -20.22 19.92
N TRP D 69 -5.66 -21.19 19.08
CA TRP D 69 -7.01 -21.75 19.06
C TRP D 69 -6.94 -23.16 18.51
N LYS D 70 -8.05 -23.89 18.62
CA LYS D 70 -8.06 -25.30 18.23
C LYS D 70 -9.30 -25.67 17.43
N LEU D 71 -9.09 -26.36 16.31
CA LEU D 71 -10.19 -26.75 15.44
C LEU D 71 -10.16 -28.25 15.17
N ASN D 72 -11.31 -28.90 15.41
CA ASN D 72 -11.46 -30.31 15.08
C ASN D 72 -11.07 -30.57 13.63
N SER D 73 -11.42 -29.63 12.76
CA SER D 73 -11.22 -29.77 11.33
C SER D 73 -9.75 -29.71 10.92
N LEU D 74 -8.86 -29.55 11.89
CA LEU D 74 -7.43 -29.48 11.60
C LEU D 74 -6.65 -30.62 12.25
N MET D 75 -7.36 -31.53 12.89
CA MET D 75 -6.72 -32.69 13.50
C MET D 75 -6.32 -33.71 12.44
N TRP D 76 -5.24 -34.43 12.70
CA TRP D 76 -4.85 -35.55 11.86
C TRP D 76 -4.05 -36.57 12.64
N ASP D 77 -4.01 -37.80 12.12
CA ASP D 77 -3.23 -38.86 12.72
C ASP D 77 -1.83 -38.85 12.14
N PRO D 78 -0.83 -38.51 12.96
CA PRO D 78 0.57 -38.45 12.51
C PRO D 78 1.03 -39.76 11.91
N ASN D 79 0.43 -40.87 12.36
CA ASN D 79 0.72 -42.19 11.82
C ASN D 79 0.24 -42.36 10.40
N GLU D 80 -0.74 -41.54 10.01
CA GLU D 80 -1.26 -41.56 8.64
C GLU D 80 -0.41 -40.70 7.72
N TYR D 81 0.60 -40.03 8.27
CA TYR D 81 1.35 -39.04 7.51
C TYR D 81 2.84 -39.00 7.84
N GLY D 82 3.43 -40.17 8.06
CA GLY D 82 4.86 -40.27 8.29
C GLY D 82 5.35 -39.60 9.57
N ASN D 83 4.53 -39.68 10.61
CA ASN D 83 4.90 -39.13 11.91
C ASN D 83 4.95 -37.61 11.95
N ILE D 84 4.28 -36.96 11.01
CA ILE D 84 4.21 -35.50 10.99
C ILE D 84 3.32 -35.00 12.12
N THR D 85 3.91 -34.23 13.03
CA THR D 85 3.19 -33.75 14.20
C THR D 85 2.73 -32.31 14.05
N ASP D 86 3.37 -31.56 13.16
CA ASP D 86 2.98 -30.17 12.90
C ASP D 86 3.54 -29.65 11.58
N PHE D 87 3.12 -28.44 11.20
CA PHE D 87 3.65 -27.81 10.00
C PHE D 87 3.40 -26.31 9.99
N ARG D 88 4.15 -25.60 9.15
CA ARG D 88 3.97 -24.17 8.97
C ARG D 88 3.22 -23.90 7.67
N THR D 89 2.35 -22.90 7.71
CA THR D 89 1.58 -22.51 6.52
C THR D 89 1.24 -21.03 6.58
N SER D 90 1.04 -20.42 5.41
CA SER D 90 0.64 -19.02 5.35
C SER D 90 -0.67 -18.80 6.09
N ALA D 91 -0.75 -17.72 6.86
CA ALA D 91 -1.95 -17.44 7.66
C ALA D 91 -3.17 -17.18 6.77
N ALA D 92 -2.93 -16.93 5.48
CA ALA D 92 -4.01 -16.76 4.52
C ALA D 92 -4.58 -18.09 4.05
N ASP D 93 -3.83 -19.17 4.29
CA ASP D 93 -4.28 -20.52 3.94
C ASP D 93 -5.38 -21.02 4.87
N ILE D 94 -5.43 -20.46 6.07
CA ILE D 94 -6.39 -20.89 7.08
C ILE D 94 -7.24 -19.74 7.59
N TRP D 95 -8.27 -20.06 8.36
CA TRP D 95 -9.05 -19.05 9.06
C TRP D 95 -8.25 -18.52 10.25
N THR D 96 -8.41 -17.23 10.53
CA THR D 96 -7.80 -16.62 11.70
C THR D 96 -8.76 -15.60 12.33
N PRO D 97 -8.70 -15.44 13.65
CA PRO D 97 -9.61 -14.53 14.35
C PRO D 97 -9.31 -13.06 14.04
N ASP D 98 -10.37 -12.25 13.94
CA ASP D 98 -10.23 -10.84 13.62
C ASP D 98 -9.92 -10.01 14.89
N ILE D 99 -8.96 -10.48 15.68
CA ILE D 99 -8.53 -9.77 16.88
C ILE D 99 -8.09 -8.34 16.58
N THR D 100 -8.82 -7.36 17.11
CA THR D 100 -8.59 -5.97 16.79
C THR D 100 -8.36 -5.09 18.01
N ALA D 101 -7.47 -4.11 17.88
CA ALA D 101 -7.30 -3.08 18.90
C ALA D 101 -8.44 -2.07 18.78
N TYR D 102 -9.11 -1.81 19.89
CA TYR D 102 -10.34 -1.01 19.87
C TYR D 102 -10.12 0.49 19.89
N SER D 103 -8.90 0.93 20.19
CA SER D 103 -8.62 2.36 20.24
C SER D 103 -7.35 2.73 19.48
N SER D 104 -7.09 2.02 18.38
CA SER D 104 -5.98 2.39 17.51
C SER D 104 -6.29 3.72 16.82
N THR D 105 -5.25 4.45 16.44
CA THR D 105 -5.44 5.73 15.76
C THR D 105 -4.90 5.64 14.34
N ARG D 106 -4.11 4.60 14.08
CA ARG D 106 -3.60 4.30 12.74
C ARG D 106 -3.83 2.82 12.46
N PRO D 107 -3.82 2.43 11.18
CA PRO D 107 -3.87 0.99 10.93
C PRO D 107 -2.64 0.30 11.54
N VAL D 108 -2.86 -0.85 12.18
CA VAL D 108 -1.77 -1.63 12.75
C VAL D 108 -0.78 -2.04 11.67
N GLN D 109 0.51 -1.96 11.98
CA GLN D 109 1.55 -2.39 11.05
C GLN D 109 2.13 -3.74 11.44
N VAL D 110 2.16 -4.66 10.49
CA VAL D 110 2.69 -6.00 10.73
C VAL D 110 4.19 -5.99 10.49
N LEU D 111 4.94 -6.49 11.46
CA LEU D 111 6.40 -6.44 11.43
C LEU D 111 7.02 -7.79 11.06
N SER D 112 6.23 -8.85 11.14
CA SER D 112 6.75 -10.20 10.93
C SER D 112 5.99 -10.95 9.84
N PRO D 113 6.58 -12.04 9.33
CA PRO D 113 5.94 -12.93 8.37
C PRO D 113 4.59 -13.45 8.89
N GLN D 114 3.58 -13.47 8.04
CA GLN D 114 2.24 -13.93 8.43
C GLN D 114 2.13 -15.45 8.29
N ILE D 115 2.82 -16.17 9.17
CA ILE D 115 2.85 -17.63 9.08
C ILE D 115 2.48 -18.28 10.41
N ALA D 116 1.59 -19.26 10.35
CA ALA D 116 1.11 -19.94 11.55
C ALA D 116 1.64 -21.36 11.65
N VAL D 117 1.65 -21.88 12.87
CA VAL D 117 2.02 -23.27 13.10
C VAL D 117 0.78 -24.09 13.46
N VAL D 118 0.61 -25.23 12.82
CA VAL D 118 -0.53 -26.09 13.07
C VAL D 118 -0.08 -27.45 13.62
N THR D 119 -0.63 -27.85 14.75
CA THR D 119 -0.28 -29.12 15.37
C THR D 119 -1.33 -30.17 15.08
N HIS D 120 -0.92 -31.43 15.05
CA HIS D 120 -1.79 -32.55 14.67
C HIS D 120 -3.05 -32.62 15.54
N ASP D 121 -3.00 -32.06 16.73
CA ASP D 121 -4.15 -32.05 17.63
C ASP D 121 -5.18 -31.01 17.20
N GLY D 122 -4.87 -30.29 16.13
CA GLY D 122 -5.81 -29.31 15.59
C GLY D 122 -5.68 -27.93 16.18
N SER D 123 -4.62 -27.71 16.97
CA SER D 123 -4.36 -26.39 17.54
C SER D 123 -3.55 -25.53 16.58
N VAL D 124 -3.85 -24.24 16.55
CA VAL D 124 -3.09 -23.31 15.73
C VAL D 124 -2.44 -22.25 16.61
N MET D 125 -1.20 -21.91 16.29
CA MET D 125 -0.54 -20.80 16.97
C MET D 125 -0.05 -19.77 15.97
N PHE D 126 -0.50 -18.53 16.15
CA PHE D 126 -0.20 -17.44 15.24
C PHE D 126 0.32 -16.25 16.06
N ILE D 127 1.57 -15.86 15.82
CA ILE D 127 2.19 -14.81 16.63
C ILE D 127 2.71 -13.66 15.78
N PRO D 128 1.83 -12.73 15.40
CA PRO D 128 2.23 -11.57 14.61
C PRO D 128 2.89 -10.49 15.46
N ALA D 129 4.08 -10.06 15.04
CA ALA D 129 4.69 -8.88 15.62
C ALA D 129 4.07 -7.65 14.96
N GLN D 130 3.71 -6.65 15.77
CA GLN D 130 2.99 -5.49 15.26
C GLN D 130 3.46 -4.17 15.87
N ARG D 131 3.30 -3.08 15.13
CA ARG D 131 3.42 -1.75 15.71
C ARG D 131 2.07 -1.06 15.72
N LEU D 132 1.69 -0.54 16.87
CA LEU D 132 0.37 0.02 17.08
C LEU D 132 0.42 1.44 17.63
N SER D 133 -0.26 2.36 16.95
CA SER D 133 -0.56 3.67 17.53
C SER D 133 -1.95 3.63 18.14
N PHE D 134 -2.05 3.96 19.43
CA PHE D 134 -3.34 3.95 20.11
C PHE D 134 -3.51 5.16 21.03
N MET D 135 -4.75 5.39 21.45
CA MET D 135 -5.10 6.58 22.20
C MET D 135 -4.55 6.49 23.61
N CYS D 136 -3.70 7.44 23.97
CA CYS D 136 -2.99 7.40 25.26
C CYS D 136 -2.50 8.78 25.67
N ASP D 137 -2.87 9.19 26.87
CA ASP D 137 -2.39 10.44 27.45
C ASP D 137 -1.13 10.19 28.27
N PRO D 138 0.04 10.61 27.74
CA PRO D 138 1.32 10.31 28.39
C PRO D 138 1.64 11.26 29.54
N THR D 139 0.65 12.03 29.98
CA THR D 139 0.86 12.96 31.09
C THR D 139 1.37 12.22 32.31
N GLY D 140 2.49 12.69 32.85
CA GLY D 140 3.07 12.07 34.03
C GLY D 140 4.09 11.00 33.71
N VAL D 141 4.37 10.80 32.43
CA VAL D 141 5.36 9.82 32.02
C VAL D 141 6.74 10.23 32.55
N ASP D 142 6.91 11.53 32.78
CA ASP D 142 8.16 12.08 33.29
C ASP D 142 8.19 12.19 34.81
N SER D 143 7.30 11.47 35.47
CA SER D 143 7.27 11.45 36.93
C SER D 143 7.53 10.04 37.46
N GLU D 144 7.82 9.95 38.76
CA GLU D 144 8.15 8.67 39.38
C GLU D 144 7.01 7.65 39.24
N GLU D 145 5.77 8.13 39.30
CA GLU D 145 4.61 7.26 39.17
C GLU D 145 4.41 6.76 37.75
N GLY D 146 4.97 7.51 36.79
CA GLY D 146 4.82 7.19 35.39
C GLY D 146 3.45 7.57 34.86
N ALA D 147 3.17 7.13 33.63
CA ALA D 147 1.84 7.31 33.04
C ALA D 147 1.19 5.94 32.89
N THR D 148 -0.14 5.94 32.82
CA THR D 148 -0.86 4.69 32.63
C THR D 148 -1.78 4.79 31.41
N CYS D 149 -1.77 3.74 30.60
CA CYS D 149 -2.66 3.69 29.46
C CYS D 149 -3.19 2.30 29.28
N ALA D 150 -4.27 2.18 28.52
CA ALA D 150 -4.92 0.90 28.30
C ALA D 150 -5.49 0.80 26.90
N VAL D 151 -5.45 -0.40 26.33
CA VAL D 151 -6.05 -0.64 25.03
C VAL D 151 -6.67 -2.04 25.01
N LYS D 152 -7.91 -2.12 24.55
CA LYS D 152 -8.63 -3.39 24.49
C LYS D 152 -8.38 -4.13 23.18
N PHE D 153 -8.17 -5.43 23.27
CA PHE D 153 -8.01 -6.28 22.09
C PHE D 153 -9.10 -7.37 22.05
N GLY D 154 -9.78 -7.49 20.91
CA GLY D 154 -10.82 -8.48 20.78
C GLY D 154 -11.39 -8.55 19.38
N SER D 155 -12.30 -9.49 19.16
CA SER D 155 -12.95 -9.64 17.87
C SER D 155 -13.76 -8.41 17.55
N TRP D 156 -13.74 -8.00 16.29
CA TRP D 156 -14.52 -6.84 15.89
C TRP D 156 -15.98 -7.22 15.62
N VAL D 157 -16.20 -8.41 15.06
CA VAL D 157 -17.54 -8.78 14.60
C VAL D 157 -18.16 -9.99 15.32
N TYR D 158 -17.36 -10.76 16.04
CA TYR D 158 -17.88 -11.91 16.78
C TYR D 158 -18.15 -11.59 18.25
N SER D 159 -19.35 -11.85 18.67
CA SER D 159 -19.74 -11.67 20.05
C SER D 159 -19.20 -12.80 20.90
N GLY D 160 -19.39 -12.68 22.19
CA GLY D 160 -18.92 -13.66 23.14
C GLY D 160 -19.51 -15.02 22.86
N PHE D 161 -20.69 -15.02 22.28
CA PHE D 161 -21.34 -16.26 21.92
C PHE D 161 -20.63 -16.99 20.80
N GLU D 162 -19.96 -16.26 19.92
CA GLU D 162 -19.22 -16.88 18.86
C GLU D 162 -17.76 -17.10 19.18
N ILE D 163 -17.11 -16.06 19.62
CA ILE D 163 -15.71 -16.10 20.00
C ILE D 163 -15.51 -15.72 21.46
N ASP D 164 -14.82 -16.58 22.21
CA ASP D 164 -14.47 -16.29 23.58
C ASP D 164 -12.96 -16.13 23.70
N LEU D 165 -12.53 -15.24 24.60
CA LEU D 165 -11.11 -15.03 24.83
C LEU D 165 -10.70 -15.48 26.22
N LYS D 166 -9.52 -16.06 26.34
CA LYS D 166 -8.92 -16.27 27.65
C LYS D 166 -7.42 -16.04 27.58
N THR D 167 -6.81 -15.83 28.74
CA THR D 167 -5.37 -15.64 28.86
C THR D 167 -4.76 -16.77 29.69
N ASP D 168 -3.49 -17.05 29.48
CA ASP D 168 -2.77 -18.02 30.30
C ASP D 168 -2.30 -17.37 31.60
N THR D 169 -2.43 -16.05 31.66
CA THR D 169 -1.94 -15.27 32.78
C THR D 169 -2.27 -13.78 32.57
N ASP D 170 -2.38 -13.04 33.66
CA ASP D 170 -2.73 -11.63 33.55
C ASP D 170 -1.48 -10.76 33.54
N GLN D 171 -0.31 -11.40 33.55
CA GLN D 171 0.95 -10.70 33.48
C GLN D 171 1.46 -10.66 32.04
N VAL D 172 1.53 -9.46 31.48
CA VAL D 172 2.17 -9.26 30.19
C VAL D 172 3.61 -9.73 30.23
N ASP D 173 4.03 -10.49 29.21
CA ASP D 173 5.41 -10.95 29.14
C ASP D 173 6.34 -9.77 28.82
N LEU D 174 7.25 -9.49 29.75
CA LEU D 174 8.17 -8.36 29.63
C LEU D 174 9.61 -8.84 29.46
N SER D 175 9.77 -10.14 29.25
CA SER D 175 11.09 -10.73 29.21
C SER D 175 11.87 -10.28 27.99
N SER D 176 11.15 -9.79 26.98
CA SER D 176 11.79 -9.35 25.75
C SER D 176 11.74 -7.83 25.56
N TYR D 177 11.39 -7.10 26.61
CA TYR D 177 11.27 -5.65 26.48
C TYR D 177 12.65 -5.01 26.25
N TYR D 178 12.70 -4.06 25.33
CA TYR D 178 13.94 -3.42 24.93
C TYR D 178 14.51 -2.60 26.08
N ALA D 179 15.65 -3.04 26.60
CA ALA D 179 16.25 -2.45 27.79
C ALA D 179 16.74 -1.01 27.60
N SER D 180 16.97 -0.60 26.36
CA SER D 180 17.43 0.76 26.12
C SER D 180 16.36 1.66 25.52
N SER D 181 15.10 1.23 25.64
CA SER D 181 13.96 2.03 25.21
C SER D 181 13.96 3.38 25.93
N LYS D 182 13.33 4.38 25.31
CA LYS D 182 13.15 5.67 25.96
C LYS D 182 12.23 5.54 27.18
N TYR D 183 11.46 4.46 27.22
CA TYR D 183 10.52 4.28 28.31
C TYR D 183 10.70 2.93 29.01
N GLU D 184 10.61 2.93 30.32
CA GLU D 184 10.66 1.69 31.08
C GLU D 184 9.26 1.32 31.57
N ILE D 185 8.99 0.03 31.66
CA ILE D 185 7.69 -0.46 32.09
C ILE D 185 7.65 -0.65 33.60
N LEU D 186 6.71 0.02 34.27
CA LEU D 186 6.55 -0.13 35.70
C LEU D 186 5.62 -1.31 35.98
N SER D 187 4.63 -1.48 35.12
CA SER D 187 3.80 -2.69 35.14
C SER D 187 3.00 -2.82 33.85
N ALA D 188 2.68 -4.06 33.49
CA ALA D 188 1.83 -4.30 32.34
C ALA D 188 0.97 -5.53 32.59
N THR D 189 -0.34 -5.34 32.56
CA THR D 189 -1.27 -6.46 32.74
C THR D 189 -2.17 -6.65 31.53
N GLN D 190 -2.79 -7.84 31.46
CA GLN D 190 -3.73 -8.19 30.40
C GLN D 190 -4.93 -8.92 31.03
N THR D 191 -6.10 -8.35 30.91
CA THR D 191 -7.28 -8.86 31.54
C THR D 191 -8.53 -9.03 30.71
N ARG D 192 -9.19 -10.15 30.93
CA ARG D 192 -10.42 -10.44 30.25
C ARG D 192 -11.58 -9.52 30.64
N GLN D 193 -12.32 -9.07 29.67
CA GLN D 193 -13.42 -8.18 29.85
C GLN D 193 -14.64 -8.55 29.00
N VAL D 194 -15.81 -8.19 29.49
CA VAL D 194 -17.06 -8.42 28.82
C VAL D 194 -17.70 -7.08 28.65
N GLN D 195 -17.94 -6.69 27.42
CA GLN D 195 -18.53 -5.38 27.15
C GLN D 195 -19.82 -5.40 26.37
N HIS D 196 -20.63 -4.41 26.62
CA HIS D 196 -21.88 -4.25 25.94
C HIS D 196 -21.76 -2.97 25.13
N TYR D 197 -22.24 -3.02 23.91
CA TYR D 197 -22.14 -1.88 23.05
C TYR D 197 -23.51 -1.50 22.56
N SER D 198 -23.70 -0.25 22.21
CA SER D 198 -24.99 0.23 21.81
C SER D 198 -25.58 -0.49 20.61
N CYS D 199 -24.75 -0.85 19.67
CA CYS D 199 -25.19 -1.50 18.47
C CYS D 199 -25.85 -2.86 18.59
N CYS D 200 -25.42 -3.71 19.51
CA CYS D 200 -26.02 -5.02 19.64
C CYS D 200 -26.33 -5.52 21.03
N PRO D 201 -27.34 -6.45 21.00
CA PRO D 201 -27.71 -6.99 22.31
C PRO D 201 -26.65 -7.82 22.96
N GLU D 202 -26.02 -8.67 22.16
CA GLU D 202 -25.02 -9.61 22.61
C GLU D 202 -23.71 -8.99 23.03
N PRO D 203 -23.14 -9.52 24.18
CA PRO D 203 -21.86 -8.93 24.58
C PRO D 203 -20.60 -9.39 23.83
N TYR D 204 -19.58 -8.55 23.81
CA TYR D 204 -18.32 -8.87 23.15
C TYR D 204 -17.19 -9.04 24.17
N ILE D 205 -16.21 -9.86 23.84
CA ILE D 205 -15.11 -10.12 24.76
C ILE D 205 -13.79 -9.51 24.36
N ASP D 206 -13.06 -8.93 25.29
CA ASP D 206 -11.78 -8.36 24.99
C ASP D 206 -10.76 -8.63 26.10
N VAL D 207 -9.50 -8.45 25.79
CA VAL D 207 -8.46 -8.61 26.75
C VAL D 207 -7.93 -7.19 26.87
N ASN D 208 -7.92 -6.64 28.07
CA ASN D 208 -7.51 -5.28 28.25
C ASN D 208 -6.09 -5.19 28.65
N LEU D 209 -5.31 -4.52 27.83
CA LEU D 209 -3.89 -4.34 28.10
C LEU D 209 -3.67 -3.01 28.83
N VAL D 210 -3.22 -3.09 30.09
CA VAL D 210 -2.98 -1.89 30.89
C VAL D 210 -1.49 -1.75 31.17
N VAL D 211 -0.89 -0.65 30.70
CA VAL D 211 0.54 -0.45 30.87
C VAL D 211 0.84 0.86 31.60
N LYS D 212 1.64 0.76 32.65
CA LYS D 212 2.15 1.91 33.36
C LYS D 212 3.62 2.07 33.03
N PHE D 213 4.02 3.25 32.58
CA PHE D 213 5.36 3.40 32.05
C PHE D 213 5.94 4.77 32.32
N ARG D 214 7.26 4.85 32.27
CA ARG D 214 7.98 6.02 32.73
C ARG D 214 9.19 6.26 31.83
N GLU D 215 9.52 7.53 31.58
CA GLU D 215 10.75 7.87 30.88
C GLU D 215 11.93 7.24 31.60
N ARG D 216 12.75 6.50 30.85
CA ARG D 216 13.93 5.85 31.43
C ARG D 216 15.07 6.85 31.56
N ARG D 217 15.68 6.90 32.73
CA ARG D 217 16.88 7.69 32.92
C ARG D 217 18.07 6.98 32.27
N ALA D 218 18.91 7.73 31.56
CA ALA D 218 20.05 7.15 30.84
C ALA D 218 21.02 6.44 31.78
N ASP E 7 16.78 -20.75 -33.28
CA ASP E 7 17.95 -20.60 -32.43
C ASP E 7 17.59 -19.92 -31.13
N LYS E 8 17.48 -18.59 -31.17
CA LYS E 8 17.06 -17.81 -30.00
C LYS E 8 15.65 -18.24 -29.59
N LEU E 9 14.83 -18.62 -30.58
CA LEU E 9 13.51 -19.14 -30.31
C LEU E 9 13.59 -20.49 -29.61
N HIS E 10 14.67 -21.22 -29.90
CA HIS E 10 14.89 -22.54 -29.31
C HIS E 10 15.33 -22.44 -27.86
N SER E 11 16.11 -21.41 -27.54
CA SER E 11 16.59 -21.22 -26.17
C SER E 11 15.46 -20.75 -25.26
N GLN E 12 14.54 -19.96 -25.80
CA GLN E 12 13.37 -19.51 -25.05
C GLN E 12 12.48 -20.71 -24.72
N ALA E 13 12.24 -21.55 -25.72
CA ALA E 13 11.46 -22.77 -25.52
C ALA E 13 12.09 -23.66 -24.47
N ASN E 14 13.41 -23.78 -24.53
CA ASN E 14 14.17 -24.56 -23.55
C ASN E 14 13.97 -24.06 -22.13
N LEU E 15 14.10 -22.75 -21.92
CA LEU E 15 13.90 -22.18 -20.60
C LEU E 15 12.45 -22.35 -20.14
N MET E 16 11.50 -22.17 -21.06
CA MET E 16 10.10 -22.35 -20.73
C MET E 16 9.81 -23.78 -20.27
N ARG E 17 10.33 -24.75 -21.00
CA ARG E 17 10.15 -26.15 -20.65
C ARG E 17 10.77 -26.45 -19.28
N LEU E 18 11.92 -25.86 -19.01
CA LEU E 18 12.59 -26.08 -17.74
C LEU E 18 11.80 -25.50 -16.57
N LYS E 19 11.25 -24.31 -16.78
CA LYS E 19 10.48 -23.65 -15.73
C LYS E 19 9.17 -24.38 -15.51
N SER E 20 8.62 -24.92 -16.59
CA SER E 20 7.41 -25.71 -16.53
C SER E 20 7.62 -26.97 -15.68
N ASP E 21 8.70 -27.69 -15.96
CA ASP E 21 9.01 -28.95 -15.28
C ASP E 21 9.28 -28.76 -13.79
N LEU E 22 10.03 -27.72 -13.45
CA LEU E 22 10.36 -27.44 -12.05
C LEU E 22 9.11 -26.96 -11.29
N PHE E 23 8.29 -26.17 -11.97
CA PHE E 23 7.09 -25.63 -11.35
C PHE E 23 5.87 -26.49 -11.66
N TYR E 29 7.42 -28.30 -3.15
CA TYR E 29 8.22 -28.14 -1.95
C TYR E 29 7.43 -27.39 -0.89
N PRO E 30 7.08 -28.08 0.21
CA PRO E 30 6.25 -27.56 1.29
C PRO E 30 7.05 -26.78 2.33
N GLY E 31 8.32 -26.51 2.03
CA GLY E 31 9.20 -25.87 2.99
C GLY E 31 10.00 -26.90 3.75
N PRO E 32 10.99 -26.46 4.53
CA PRO E 32 11.84 -27.40 5.26
C PRO E 32 11.10 -28.04 6.43
N THR E 33 11.56 -29.21 6.86
CA THR E 33 10.97 -29.91 7.99
C THR E 33 12.07 -30.56 8.81
N LYS E 34 11.70 -31.14 9.94
CA LYS E 34 12.67 -31.81 10.80
C LYS E 34 13.33 -32.95 10.05
N ASP E 35 12.56 -33.61 9.19
CA ASP E 35 13.06 -34.72 8.39
C ASP E 35 13.81 -34.23 7.16
N ASP E 36 13.40 -33.07 6.65
CA ASP E 36 14.03 -32.50 5.46
C ASP E 36 14.55 -31.09 5.75
N PRO E 37 15.53 -30.98 6.66
CA PRO E 37 16.06 -29.68 7.11
C PRO E 37 16.81 -28.93 6.03
N LEU E 38 17.02 -27.64 6.25
CA LEU E 38 17.61 -26.77 5.23
C LEU E 38 18.57 -25.77 5.85
N THR E 39 19.76 -25.65 5.27
CA THR E 39 20.70 -24.63 5.71
C THR E 39 20.57 -23.37 4.85
N VAL E 40 20.30 -22.24 5.50
CA VAL E 40 20.24 -20.96 4.80
C VAL E 40 21.48 -20.13 5.12
N THR E 41 22.21 -19.74 4.10
CA THR E 41 23.37 -18.87 4.30
C THR E 41 22.98 -17.39 4.14
N LEU E 42 23.28 -16.61 5.18
CA LEU E 42 23.03 -15.17 5.18
C LEU E 42 24.30 -14.35 5.14
N GLY E 43 24.25 -13.23 4.43
CA GLY E 43 25.36 -12.30 4.35
C GLY E 43 24.83 -10.90 4.15
N PHE E 44 25.37 -9.94 4.89
CA PHE E 44 24.91 -8.57 4.80
C PHE E 44 25.92 -7.67 4.13
N THR E 45 25.43 -6.83 3.23
CA THR E 45 26.22 -5.73 2.68
C THR E 45 25.61 -4.44 3.18
N LEU E 46 26.28 -3.78 4.09
CA LEU E 46 25.79 -2.54 4.70
C LEU E 46 26.03 -1.37 3.76
N GLN E 47 24.95 -0.74 3.31
CA GLN E 47 25.07 0.37 2.37
C GLN E 47 25.10 1.73 3.06
N ASP E 48 24.27 1.91 4.08
CA ASP E 48 24.09 3.23 4.65
C ASP E 48 23.39 3.16 5.98
N ILE E 49 23.89 3.93 6.94
CA ILE E 49 23.12 4.28 8.10
C ILE E 49 22.50 5.64 7.80
N VAL E 50 21.21 5.65 7.51
CA VAL E 50 20.56 6.87 7.05
C VAL E 50 20.27 7.84 8.18
N LYS E 51 19.89 7.30 9.34
CA LYS E 51 19.34 8.11 10.40
C LYS E 51 19.47 7.43 11.75
N ALA E 52 19.84 8.21 12.76
CA ALA E 52 19.89 7.73 14.13
C ALA E 52 19.06 8.66 15.02
N ASP E 53 17.86 8.22 15.39
CA ASP E 53 16.91 9.04 16.11
C ASP E 53 17.02 8.82 17.62
N SER E 54 17.64 9.78 18.31
CA SER E 54 17.88 9.66 19.74
C SER E 54 16.62 9.97 20.56
N SER E 55 15.57 10.45 19.90
CA SER E 55 14.34 10.77 20.62
C SER E 55 13.40 9.56 20.74
N THR E 56 13.54 8.59 19.84
CA THR E 56 12.75 7.36 19.91
C THR E 56 13.64 6.13 20.02
N ASN E 57 14.94 6.34 19.94
CA ASN E 57 15.92 5.26 19.88
C ASN E 57 15.61 4.24 18.77
N GLU E 58 15.49 4.77 17.56
CA GLU E 58 15.40 3.96 16.35
C GLU E 58 16.53 4.35 15.43
N VAL E 59 17.15 3.36 14.80
CA VAL E 59 18.13 3.61 13.76
C VAL E 59 17.67 2.98 12.45
N ASP E 60 17.94 3.67 11.34
CA ASP E 60 17.52 3.24 10.03
C ASP E 60 18.72 2.80 9.21
N LEU E 61 18.75 1.53 8.82
CA LEU E 61 19.82 0.98 8.01
C LEU E 61 19.34 0.68 6.61
N VAL E 62 20.23 0.81 5.64
CA VAL E 62 20.00 0.28 4.31
C VAL E 62 21.09 -0.74 4.04
N TYR E 63 20.69 -1.92 3.59
CA TYR E 63 21.63 -3.02 3.39
C TYR E 63 21.11 -3.98 2.33
N TRP E 64 22.03 -4.76 1.76
CA TRP E 64 21.63 -5.89 0.91
C TRP E 64 21.75 -7.17 1.73
N GLU E 65 20.67 -7.94 1.80
CA GLU E 65 20.68 -9.16 2.59
C GLU E 65 20.76 -10.36 1.66
N GLN E 66 21.95 -10.95 1.57
CA GLN E 66 22.16 -12.06 0.64
C GLN E 66 21.75 -13.39 1.26
N GLN E 67 20.76 -14.04 0.66
CA GLN E 67 20.29 -15.35 1.12
C GLN E 67 20.59 -16.42 0.09
N ARG E 68 21.15 -17.54 0.54
CA ARG E 68 21.44 -18.66 -0.33
C ARG E 68 21.04 -19.98 0.30
N TRP E 69 20.31 -20.79 -0.45
CA TRP E 69 19.95 -22.13 -0.01
C TRP E 69 19.90 -23.09 -1.20
N LYS E 70 19.78 -24.38 -0.92
CA LYS E 70 19.85 -25.39 -1.96
C LYS E 70 18.74 -26.45 -1.82
N LEU E 71 18.02 -26.69 -2.90
CA LEU E 71 16.95 -27.68 -2.91
C LEU E 71 17.20 -28.75 -3.98
N ASN E 72 17.00 -30.01 -3.60
CA ASN E 72 17.09 -31.11 -4.55
C ASN E 72 16.04 -30.92 -5.65
N SER E 73 14.86 -30.44 -5.25
CA SER E 73 13.74 -30.29 -6.17
C SER E 73 13.92 -29.17 -7.19
N LEU E 74 15.08 -28.51 -7.18
CA LEU E 74 15.36 -27.44 -8.13
C LEU E 74 16.56 -27.79 -9.01
N MET E 75 17.06 -29.02 -8.86
CA MET E 75 18.16 -29.47 -9.70
C MET E 75 17.69 -29.85 -11.10
N TRP E 76 18.59 -29.75 -12.07
CA TRP E 76 18.31 -30.25 -13.42
C TRP E 76 19.60 -30.46 -14.21
N ASP E 77 19.53 -31.35 -15.19
CA ASP E 77 20.66 -31.59 -16.08
C ASP E 77 20.65 -30.56 -17.19
N PRO E 78 21.63 -29.65 -17.18
CA PRO E 78 21.76 -28.59 -18.18
C PRO E 78 21.73 -29.12 -19.62
N ASN E 79 22.23 -30.34 -19.82
CA ASN E 79 22.28 -30.93 -21.14
C ASN E 79 20.91 -31.38 -21.63
N GLU E 80 19.95 -31.48 -20.71
CA GLU E 80 18.59 -31.85 -21.06
C GLU E 80 17.73 -30.62 -21.35
N TYR E 81 18.32 -29.43 -21.19
CA TYR E 81 17.59 -28.19 -21.40
C TYR E 81 18.42 -27.15 -22.17
N GLY E 82 19.28 -27.61 -23.06
CA GLY E 82 20.02 -26.71 -23.93
C GLY E 82 21.17 -25.98 -23.26
N ASN E 83 21.78 -26.63 -22.28
CA ASN E 83 22.94 -26.10 -21.57
C ASN E 83 22.59 -24.90 -20.68
N ILE E 84 21.31 -24.74 -20.36
CA ILE E 84 20.89 -23.72 -19.42
C ILE E 84 21.39 -24.04 -18.03
N THR E 85 22.30 -23.22 -17.51
CA THR E 85 22.89 -23.49 -16.20
C THR E 85 22.16 -22.77 -15.07
N ASP E 86 21.40 -21.73 -15.41
CA ASP E 86 20.65 -20.98 -14.41
C ASP E 86 19.63 -20.05 -15.05
N PHE E 87 18.72 -19.54 -14.24
CA PHE E 87 17.70 -18.62 -14.73
C PHE E 87 17.19 -17.71 -13.62
N ARG E 88 16.53 -16.63 -14.02
CA ARG E 88 15.92 -15.70 -13.08
C ARG E 88 14.43 -16.00 -12.98
N THR E 89 13.86 -15.86 -11.79
CA THR E 89 12.43 -16.04 -11.62
C THR E 89 11.92 -15.25 -10.44
N SER E 90 10.66 -14.82 -10.52
CA SER E 90 10.02 -14.11 -9.42
C SER E 90 10.10 -14.89 -8.12
N ALA E 91 10.39 -14.19 -7.03
CA ALA E 91 10.55 -14.82 -5.72
C ALA E 91 9.26 -15.48 -5.22
N ALA E 92 8.13 -15.12 -5.84
CA ALA E 92 6.84 -15.71 -5.47
C ALA E 92 6.58 -17.02 -6.21
N ASP E 93 7.43 -17.34 -7.18
CA ASP E 93 7.30 -18.62 -7.90
C ASP E 93 7.91 -19.75 -7.09
N ILE E 94 8.72 -19.41 -6.10
CA ILE E 94 9.40 -20.41 -5.30
C ILE E 94 9.19 -20.19 -3.81
N TRP E 95 9.58 -21.17 -3.02
CA TRP E 95 9.65 -20.98 -1.57
C TRP E 95 10.84 -20.11 -1.21
N THR E 96 10.69 -19.26 -0.21
CA THR E 96 11.82 -18.48 0.30
C THR E 96 11.74 -18.42 1.83
N PRO E 97 12.90 -18.37 2.49
CA PRO E 97 12.98 -18.37 3.95
C PRO E 97 12.31 -17.14 4.56
N ASP E 98 11.65 -17.33 5.70
CA ASP E 98 10.96 -16.23 6.38
C ASP E 98 11.92 -15.50 7.32
N ILE E 99 13.11 -15.17 6.82
CA ILE E 99 14.13 -14.49 7.61
C ILE E 99 13.62 -13.11 8.05
N THR E 100 13.70 -12.84 9.35
CA THR E 100 13.12 -11.62 9.89
C THR E 100 14.06 -10.92 10.86
N ALA E 101 14.01 -9.60 10.88
CA ALA E 101 14.68 -8.83 11.93
C ALA E 101 13.86 -8.94 13.20
N TYR E 102 14.50 -9.29 14.31
CA TYR E 102 13.77 -9.58 15.55
C TYR E 102 13.44 -8.34 16.37
N SER E 103 13.99 -7.19 16.00
CA SER E 103 13.72 -5.97 16.75
C SER E 103 13.48 -4.76 15.83
N SER E 104 12.77 -4.99 14.73
CA SER E 104 12.35 -3.88 13.88
C SER E 104 11.25 -3.09 14.57
N THR E 105 11.09 -1.83 14.17
CA THR E 105 10.05 -0.98 14.77
C THR E 105 9.06 -0.53 13.72
N ARG E 106 9.39 -0.81 12.46
N ARG E 106 9.36 -0.79 12.46
CA ARG E 106 8.50 -0.55 11.33
CA ARG E 106 8.40 -0.59 11.39
C ARG E 106 8.61 -1.72 10.36
C ARG E 106 8.61 -1.68 10.35
N PRO E 107 7.60 -1.90 9.49
CA PRO E 107 7.73 -2.93 8.47
C PRO E 107 8.94 -2.64 7.59
N VAL E 108 9.82 -3.62 7.44
CA VAL E 108 11.00 -3.44 6.59
C VAL E 108 10.53 -3.06 5.17
N GLN E 109 11.27 -2.15 4.53
CA GLN E 109 10.91 -1.69 3.20
C GLN E 109 11.86 -2.24 2.15
N VAL E 110 11.29 -2.96 1.17
CA VAL E 110 12.08 -3.56 0.12
C VAL E 110 12.38 -2.54 -0.97
N LEU E 111 13.66 -2.39 -1.29
CA LEU E 111 14.09 -1.37 -2.24
C LEU E 111 14.40 -1.96 -3.61
N SER E 112 14.41 -3.29 -3.73
CA SER E 112 14.77 -3.92 -5.00
C SER E 112 13.75 -4.97 -5.46
N PRO E 113 13.80 -5.31 -6.76
CA PRO E 113 12.93 -6.33 -7.37
C PRO E 113 12.99 -7.67 -6.65
N GLN E 114 11.83 -8.29 -6.45
CA GLN E 114 11.80 -9.55 -5.73
C GLN E 114 11.97 -10.72 -6.70
N ILE E 115 13.20 -10.89 -7.17
CA ILE E 115 13.55 -11.89 -8.16
C ILE E 115 14.77 -12.68 -7.69
N ALA E 116 14.75 -14.00 -7.87
CA ALA E 116 15.86 -14.81 -7.42
C ALA E 116 16.58 -15.48 -8.59
N VAL E 117 17.82 -15.90 -8.36
CA VAL E 117 18.60 -16.63 -9.35
C VAL E 117 18.69 -18.10 -8.95
N VAL E 118 18.22 -18.98 -9.82
CA VAL E 118 18.29 -20.41 -9.57
C VAL E 118 19.34 -21.08 -10.46
N THR E 119 20.24 -21.84 -9.86
CA THR E 119 21.29 -22.52 -10.59
C THR E 119 20.99 -24.03 -10.68
N HIS E 120 21.50 -24.67 -11.73
CA HIS E 120 21.10 -26.03 -12.08
C HIS E 120 21.40 -27.07 -10.99
N ASP E 121 22.26 -26.71 -10.04
CA ASP E 121 22.53 -27.60 -8.91
C ASP E 121 21.46 -27.42 -7.83
N GLY E 122 20.48 -26.58 -8.11
CA GLY E 122 19.36 -26.37 -7.19
C GLY E 122 19.60 -25.28 -6.17
N SER E 123 20.78 -24.68 -6.18
CA SER E 123 21.07 -23.60 -5.26
C SER E 123 20.32 -22.35 -5.69
N VAL E 124 19.87 -21.58 -4.72
CA VAL E 124 19.14 -20.34 -4.97
C VAL E 124 19.87 -19.17 -4.33
N MET E 125 20.00 -18.08 -5.07
CA MET E 125 20.56 -16.84 -4.52
C MET E 125 19.52 -15.73 -4.61
N PHE E 126 19.23 -15.12 -3.47
CA PHE E 126 18.21 -14.09 -3.36
C PHE E 126 18.76 -12.95 -2.53
N ILE E 127 18.88 -11.77 -3.13
CA ILE E 127 19.51 -10.63 -2.47
C ILE E 127 18.60 -9.40 -2.47
N PRO E 128 17.65 -9.36 -1.53
CA PRO E 128 16.79 -8.18 -1.45
C PRO E 128 17.51 -6.99 -0.83
N ALA E 129 17.32 -5.80 -1.39
CA ALA E 129 17.76 -4.57 -0.74
C ALA E 129 16.65 -4.06 0.15
N GLN E 130 17.00 -3.55 1.32
CA GLN E 130 16.01 -3.20 2.34
C GLN E 130 16.40 -1.99 3.17
N ARG E 131 15.39 -1.21 3.57
CA ARG E 131 15.57 -0.21 4.61
C ARG E 131 14.89 -0.67 5.88
N LEU E 132 15.61 -0.66 6.99
CA LEU E 132 15.10 -1.16 8.26
C LEU E 132 15.19 -0.14 9.39
N SER E 133 14.07 0.12 10.05
CA SER E 133 14.09 0.79 11.33
C SER E 133 14.15 -0.28 12.41
N PHE E 134 15.14 -0.18 13.30
CA PHE E 134 15.21 -1.12 14.43
C PHE E 134 15.63 -0.42 15.74
N MET E 135 15.39 -1.12 16.86
CA MET E 135 15.58 -0.56 18.19
C MET E 135 17.06 -0.35 18.49
N CYS E 136 17.43 0.87 18.80
CA CYS E 136 18.84 1.21 18.96
C CYS E 136 19.05 2.54 19.66
N ASP E 137 19.82 2.52 20.75
CA ASP E 137 20.19 3.73 21.48
C ASP E 137 21.50 4.27 20.94
N PRO E 138 21.44 5.39 20.20
CA PRO E 138 22.60 5.99 19.54
C PRO E 138 23.50 6.80 20.47
N THR E 139 23.32 6.63 21.78
CA THR E 139 24.17 7.32 22.75
C THR E 139 25.64 6.99 22.51
N GLY E 140 26.45 8.04 22.40
CA GLY E 140 27.87 7.86 22.13
C GLY E 140 28.24 7.94 20.65
N VAL E 141 27.23 8.10 19.79
CA VAL E 141 27.49 8.19 18.36
C VAL E 141 28.33 9.44 18.04
N ASP E 142 28.17 10.47 18.87
CA ASP E 142 28.92 11.72 18.69
C ASP E 142 30.27 11.68 19.41
N SER E 143 30.67 10.50 19.88
CA SER E 143 31.95 10.36 20.57
C SER E 143 32.97 9.59 19.74
N GLU E 144 34.19 9.55 20.23
CA GLU E 144 35.30 8.90 19.52
C GLU E 144 35.09 7.39 19.38
N GLU E 145 34.56 6.77 20.43
CA GLU E 145 34.35 5.33 20.45
C GLU E 145 33.12 4.94 19.62
N GLY E 146 32.18 5.88 19.49
CA GLY E 146 30.99 5.66 18.69
C GLY E 146 29.86 4.99 19.45
N ALA E 147 28.79 4.70 18.74
CA ALA E 147 27.67 3.96 19.31
C ALA E 147 27.73 2.52 18.82
N THR E 148 27.13 1.62 19.59
CA THR E 148 27.05 0.22 19.22
C THR E 148 25.61 -0.22 19.28
N CYS E 149 25.14 -0.83 18.21
CA CYS E 149 23.81 -1.41 18.23
C CYS E 149 23.83 -2.77 17.57
N ALA E 150 22.80 -3.56 17.85
CA ALA E 150 22.73 -4.93 17.39
C ALA E 150 21.31 -5.28 16.98
N VAL E 151 21.19 -6.09 15.95
CA VAL E 151 19.88 -6.57 15.54
C VAL E 151 20.00 -8.01 15.05
N LYS E 152 19.13 -8.87 15.56
CA LYS E 152 19.15 -10.29 15.20
C LYS E 152 18.27 -10.59 14.01
N PHE E 153 18.78 -11.39 13.08
CA PHE E 153 17.99 -11.87 11.97
C PHE E 153 17.83 -13.37 12.06
N GLY E 154 16.61 -13.84 11.86
CA GLY E 154 16.36 -15.27 11.87
C GLY E 154 14.97 -15.62 11.36
N SER E 155 14.73 -16.91 11.22
CA SER E 155 13.42 -17.41 10.88
C SER E 155 12.40 -17.01 11.94
N TRP E 156 11.18 -16.69 11.51
CA TRP E 156 10.13 -16.33 12.45
C TRP E 156 9.40 -17.56 13.00
N VAL E 157 9.29 -18.62 12.21
CA VAL E 157 8.54 -19.81 12.64
C VAL E 157 9.27 -21.14 12.56
N TYR E 158 10.49 -21.14 12.03
CA TYR E 158 11.28 -22.37 11.94
C TYR E 158 12.42 -22.43 12.96
N SER E 159 12.56 -23.59 13.61
CA SER E 159 13.63 -23.78 14.58
C SER E 159 14.90 -24.26 13.89
N GLY E 160 15.97 -24.40 14.68
CA GLY E 160 17.25 -24.87 14.16
C GLY E 160 17.23 -26.26 13.59
N PHE E 161 16.17 -27.02 13.86
CA PHE E 161 16.05 -28.38 13.33
C PHE E 161 15.41 -28.39 11.95
N GLU E 162 14.87 -27.26 11.54
CA GLU E 162 14.26 -27.11 10.22
C GLU E 162 15.08 -26.17 9.36
N ILE E 163 15.41 -25.00 9.91
CA ILE E 163 16.30 -24.07 9.23
C ILE E 163 17.54 -23.78 10.07
N ASP E 164 18.68 -24.28 9.61
CA ASP E 164 19.95 -23.90 10.20
C ASP E 164 20.50 -22.71 9.41
N LEU E 165 21.03 -21.71 10.12
CA LEU E 165 21.63 -20.57 9.45
C LEU E 165 23.13 -20.69 9.45
N LYS E 166 23.77 -20.14 8.41
CA LYS E 166 25.21 -20.07 8.34
C LYS E 166 25.66 -18.74 7.74
N THR E 167 26.91 -18.36 7.99
CA THR E 167 27.51 -17.23 7.30
C THR E 167 28.77 -17.69 6.60
N ASP E 168 29.11 -17.02 5.50
CA ASP E 168 30.36 -17.30 4.80
C ASP E 168 31.52 -16.69 5.58
N THR E 169 31.21 -15.59 6.27
CA THR E 169 32.21 -14.86 7.03
C THR E 169 31.50 -14.08 8.13
N ASP E 170 32.24 -13.65 9.14
CA ASP E 170 31.64 -12.87 10.22
C ASP E 170 31.83 -11.38 9.99
N GLN E 171 32.49 -11.05 8.88
CA GLN E 171 32.72 -9.65 8.50
C GLN E 171 31.65 -9.16 7.53
N VAL E 172 30.83 -8.21 7.99
CA VAL E 172 29.87 -7.57 7.12
C VAL E 172 30.57 -6.92 5.94
N ASP E 173 30.02 -7.10 4.74
CA ASP E 173 30.58 -6.51 3.52
C ASP E 173 30.38 -5.01 3.51
N LEU E 174 31.48 -4.26 3.56
CA LEU E 174 31.41 -2.80 3.65
C LEU E 174 31.93 -2.13 2.37
N SER E 175 32.14 -2.93 1.33
CA SER E 175 32.73 -2.41 0.10
C SER E 175 31.77 -1.50 -0.65
N SER E 176 30.49 -1.52 -0.26
CA SER E 176 29.50 -0.67 -0.91
C SER E 176 28.92 0.37 0.07
N TYR E 177 29.56 0.55 1.22
CA TYR E 177 29.04 1.49 2.22
C TYR E 177 29.17 2.92 1.70
N TYR E 178 28.09 3.69 1.83
CA TYR E 178 28.03 5.04 1.30
C TYR E 178 29.07 5.95 1.96
N ALA E 179 30.05 6.41 1.17
CA ALA E 179 31.22 7.11 1.70
C ALA E 179 30.88 8.45 2.33
N SER E 180 29.79 9.06 1.91
CA SER E 180 29.43 10.37 2.42
C SER E 180 28.26 10.33 3.39
N SER E 181 27.96 9.13 3.91
CA SER E 181 26.93 8.97 4.93
C SER E 181 27.16 9.92 6.10
N LYS E 182 26.10 10.24 6.83
CA LYS E 182 26.22 10.99 8.07
C LYS E 182 27.02 10.21 9.13
N TYR E 183 27.04 8.89 8.98
CA TYR E 183 27.71 8.04 9.97
C TYR E 183 28.76 7.16 9.31
N GLU E 184 29.91 7.03 9.96
CA GLU E 184 30.96 6.14 9.48
C GLU E 184 30.99 4.87 10.31
N ILE E 185 31.35 3.76 9.68
CA ILE E 185 31.38 2.45 10.32
C ILE E 185 32.75 2.16 10.94
N LEU E 186 32.76 1.91 12.25
CA LEU E 186 33.99 1.53 12.94
C LEU E 186 34.16 0.02 12.87
N SER E 187 33.06 -0.71 12.98
CA SER E 187 33.05 -2.17 12.82
C SER E 187 31.64 -2.68 12.57
N ALA E 188 31.53 -3.67 11.70
CA ALA E 188 30.25 -4.33 11.46
C ALA E 188 30.48 -5.84 11.34
N THR E 189 29.89 -6.59 12.25
CA THR E 189 30.05 -8.04 12.25
C THR E 189 28.71 -8.78 12.17
N GLN E 190 28.77 -9.99 11.61
CA GLN E 190 27.60 -10.85 11.47
C GLN E 190 27.93 -12.24 12.00
N THR E 191 27.33 -12.57 13.12
CA THR E 191 27.63 -13.77 13.84
C THR E 191 26.49 -14.69 14.12
N ARG E 192 26.67 -15.94 13.77
CA ARG E 192 25.67 -16.97 14.01
C ARG E 192 25.54 -17.25 15.48
N GLN E 193 24.34 -17.35 15.95
CA GLN E 193 24.08 -17.65 17.33
C GLN E 193 23.09 -18.78 17.50
N VAL E 194 23.44 -19.70 18.40
CA VAL E 194 22.57 -20.79 18.73
C VAL E 194 22.12 -20.62 20.16
N GLN E 195 20.83 -20.63 20.38
CA GLN E 195 20.30 -20.46 21.71
C GLN E 195 19.28 -21.49 22.07
N HIS E 196 19.12 -21.70 23.36
CA HIS E 196 18.15 -22.65 23.85
C HIS E 196 17.13 -22.07 24.80
N TYR E 197 15.90 -22.47 24.58
CA TYR E 197 14.82 -21.98 25.40
C TYR E 197 14.16 -23.07 26.22
N SER E 198 13.66 -22.65 27.38
CA SER E 198 13.00 -23.51 28.33
C SER E 198 11.75 -24.13 27.78
N CYS E 199 10.99 -23.37 27.03
CA CYS E 199 9.75 -23.83 26.43
C CYS E 199 9.91 -24.93 25.41
N CYS E 200 11.03 -24.95 24.72
CA CYS E 200 11.25 -25.93 23.70
C CYS E 200 12.53 -26.68 23.81
N PRO E 201 12.50 -27.87 23.11
CA PRO E 201 13.76 -28.61 23.16
C PRO E 201 14.66 -28.25 21.97
N GLU E 202 14.05 -27.78 20.91
CA GLU E 202 14.79 -27.43 19.71
C GLU E 202 15.73 -26.24 19.82
N PRO E 203 16.95 -26.38 19.17
CA PRO E 203 17.81 -25.22 19.25
C PRO E 203 17.35 -24.13 18.26
N TYR E 204 17.61 -22.88 18.57
CA TYR E 204 17.22 -21.75 17.74
C TYR E 204 18.41 -20.99 17.22
N ILE E 205 18.31 -20.56 15.98
CA ILE E 205 19.40 -19.89 15.32
C ILE E 205 19.12 -18.51 14.79
N ASP E 206 20.09 -17.65 14.88
CA ASP E 206 19.98 -16.31 14.37
C ASP E 206 21.32 -15.76 14.02
N VAL E 207 21.33 -14.70 13.22
CA VAL E 207 22.55 -14.05 12.86
C VAL E 207 22.47 -12.71 13.53
N ASN E 208 23.46 -12.40 14.35
CA ASN E 208 23.50 -11.16 15.05
C ASN E 208 24.33 -10.13 14.33
N LEU E 209 23.67 -9.10 13.83
CA LEU E 209 24.35 -8.00 13.16
C LEU E 209 24.71 -6.94 14.19
N VAL E 210 26.01 -6.76 14.44
CA VAL E 210 26.48 -5.75 15.38
C VAL E 210 27.27 -4.68 14.64
N VAL E 211 26.82 -3.43 14.77
CA VAL E 211 27.47 -2.31 14.11
C VAL E 211 27.90 -1.24 15.09
N LYS E 212 29.17 -0.87 15.06
CA LYS E 212 29.66 0.27 15.84
C LYS E 212 29.92 1.41 14.87
N PHE E 213 29.29 2.55 15.14
CA PHE E 213 29.32 3.66 14.21
C PHE E 213 29.38 4.99 14.94
N ARG E 214 29.86 6.03 14.25
CA ARG E 214 29.87 7.35 14.83
C ARG E 214 29.64 8.41 13.77
N GLU E 215 29.30 9.62 14.20
CA GLU E 215 29.09 10.73 13.28
C GLU E 215 30.36 11.00 12.47
N ARG E 216 30.21 11.02 11.15
CA ARG E 216 31.34 11.30 10.27
C ARG E 216 31.67 12.78 10.27
N ARG E 217 32.94 13.11 10.42
CA ARG E 217 33.40 14.48 10.25
C ARG E 217 33.38 14.86 8.77
N ALA E 218 32.87 16.06 8.49
CA ALA E 218 32.86 16.57 7.11
C ALA E 218 34.26 16.94 6.66
#